data_4AO5
#
_entry.id   4AO5
#
_cell.length_a   99.820
_cell.length_b   100.010
_cell.length_c   99.510
_cell.angle_alpha   90.00
_cell.angle_beta   90.00
_cell.angle_gamma   90.00
#
_symmetry.space_group_name_H-M   'P 21 21 21'
#
loop_
_entity.id
_entity.type
_entity.pdbx_description
1 polymer "SPBC2 PROPHAGE-DERIVED DEOXYURIDINE 5'-TRIPHOSPHATE NUCLEO TIDOHYDROLASE YOSS"
2 non-polymer "2'-DEOXYURIDINE 5'-MONOPHOSPHATE"
3 non-polymer 'SODIUM ION'
4 water water
#
_entity_poly.entity_id   1
_entity_poly.type   'polypeptide(L)'
_entity_poly.pdbx_seq_one_letter_code
;GPAMQIKIKYLDETQTRINKMEQGDWIDLRAAEDVAIKKDEFKLVPLGVAMELPEGYEAHVVPRSSTYKNFGVIQTNSMG
VIDESYKGDNDFWFFPAYALRDTKIKKGDRICQFRIMKKMPAVDLIEVDRLGNGDRGGHGSTGTK
;
_entity_poly.pdbx_strand_id   A,B,C,D,E,F
#
# COMPACT_ATOMS: atom_id res chain seq x y z
N MET A 4 -33.36 26.03 16.33
CA MET A 4 -32.21 26.94 16.57
C MET A 4 -31.94 27.82 15.36
N GLN A 5 -31.22 28.93 15.57
CA GLN A 5 -31.02 29.94 14.55
C GLN A 5 -29.59 30.47 14.48
N ILE A 6 -29.25 30.98 13.30
CA ILE A 6 -27.96 31.61 13.04
C ILE A 6 -28.24 33.04 12.60
N LYS A 7 -27.62 33.99 13.28
CA LYS A 7 -27.67 35.40 12.84
C LYS A 7 -26.52 35.64 11.88
N ILE A 8 -26.84 36.21 10.71
CA ILE A 8 -25.84 36.41 9.65
C ILE A 8 -25.82 37.87 9.22
N LYS A 9 -24.61 38.43 9.24
CA LYS A 9 -24.36 39.80 8.76
C LYS A 9 -23.51 39.72 7.50
N TYR A 10 -23.94 40.42 6.46
CA TYR A 10 -23.21 40.47 5.20
C TYR A 10 -22.31 41.70 5.13
N LEU A 11 -21.20 41.55 4.42
CA LEU A 11 -20.20 42.60 4.28
C LEU A 11 -20.79 43.86 3.66
N ASP A 12 -21.68 43.68 2.68
CA ASP A 12 -22.35 44.81 2.01
C ASP A 12 -23.58 44.31 1.28
N GLU A 13 -24.33 45.22 0.67
CA GLU A 13 -25.61 44.87 0.06
C GLU A 13 -25.47 44.06 -1.23
N THR A 14 -24.29 44.05 -1.85
CA THR A 14 -24.10 43.32 -3.11
C THR A 14 -23.80 41.84 -2.87
N GLN A 15 -23.47 41.45 -1.64
CA GLN A 15 -23.27 40.04 -1.33
C GLN A 15 -24.57 39.26 -1.55
N THR A 16 -24.48 38.10 -2.21
CA THR A 16 -25.65 37.30 -2.46
C THR A 16 -26.11 36.61 -1.18
N ARG A 17 -27.37 36.83 -0.78
CA ARG A 17 -27.89 36.19 0.44
C ARG A 17 -27.94 34.66 0.25
N ILE A 18 -27.50 33.91 1.26
CA ILE A 18 -27.24 32.46 1.08
C ILE A 18 -28.48 31.61 1.38
N ASN A 19 -28.39 30.31 1.08
CA ASN A 19 -29.54 29.41 1.18
C ASN A 19 -30.11 29.37 2.57
N LYS A 20 -31.44 29.29 2.63
CA LYS A 20 -32.14 28.83 3.82
C LYS A 20 -31.55 27.47 4.27
N MET A 21 -31.78 27.14 5.52
CA MET A 21 -31.16 25.98 6.15
C MET A 21 -32.24 25.07 6.73
N GLU A 22 -33.36 24.97 6.04
CA GLU A 22 -34.50 24.17 6.54
C GLU A 22 -34.32 22.67 6.31
N GLN A 23 -33.27 22.29 5.59
CA GLN A 23 -33.15 20.94 5.07
C GLN A 23 -31.99 20.10 5.67
N GLY A 24 -30.99 20.73 6.26
CA GLY A 24 -29.84 20.00 6.80
C GLY A 24 -28.66 19.80 5.83
N ASP A 25 -28.79 20.25 4.58
CA ASP A 25 -27.69 20.19 3.61
C ASP A 25 -26.61 21.20 4.00
N TRP A 26 -25.39 20.96 3.57
CA TRP A 26 -24.36 21.97 3.73
C TRP A 26 -24.73 23.16 2.88
N ILE A 27 -24.17 24.32 3.26
CA ILE A 27 -24.55 25.59 2.70
C ILE A 27 -23.36 26.24 1.99
N ASP A 28 -23.56 26.60 0.72
CA ASP A 28 -22.50 27.16 -0.11
C ASP A 28 -22.24 28.63 0.20
N LEU A 29 -20.96 28.95 0.32
CA LEU A 29 -20.47 30.29 0.57
C LEU A 29 -19.70 30.77 -0.67
N ARG A 30 -19.65 32.08 -0.83
CA ARG A 30 -19.24 32.72 -2.08
C ARG A 30 -18.22 33.84 -1.91
N ALA A 31 -17.38 33.99 -2.94
CA ALA A 31 -16.34 35.03 -2.99
C ALA A 31 -17.00 36.40 -2.88
N ALA A 32 -16.50 37.22 -1.95
CA ALA A 32 -17.02 38.59 -1.70
C ALA A 32 -16.56 39.56 -2.76
N GLU A 33 -15.48 39.20 -3.46
CA GLU A 33 -14.85 40.02 -4.49
C GLU A 33 -14.04 39.14 -5.41
N ASP A 34 -13.63 39.70 -6.55
CA ASP A 34 -12.70 39.02 -7.45
C ASP A 34 -11.38 38.74 -6.73
N VAL A 35 -10.84 37.55 -6.94
CA VAL A 35 -9.56 37.13 -6.37
C VAL A 35 -8.78 36.40 -7.44
N ALA A 36 -7.59 36.91 -7.79
CA ALA A 36 -6.72 36.21 -8.74
C ALA A 36 -5.57 35.62 -7.95
N ILE A 37 -5.23 34.36 -8.24
CA ILE A 37 -4.15 33.67 -7.54
C ILE A 37 -3.26 32.98 -8.57
N LYS A 38 -1.97 33.25 -8.51
CA LYS A 38 -1.04 32.60 -9.41
C LYS A 38 -0.70 31.21 -8.92
N LYS A 39 -0.24 30.36 -9.84
CA LYS A 39 0.28 29.03 -9.53
C LYS A 39 1.26 29.09 -8.37
N ASP A 40 1.03 28.22 -7.40
CA ASP A 40 1.87 28.08 -6.22
C ASP A 40 1.86 29.26 -5.29
N GLU A 41 0.78 30.02 -5.33
CA GLU A 41 0.58 31.14 -4.42
C GLU A 41 -0.71 30.97 -3.63
N PHE A 42 -0.82 31.74 -2.56
CA PHE A 42 -1.88 31.62 -1.57
C PHE A 42 -2.68 32.92 -1.45
N LYS A 43 -4.00 32.81 -1.32
CA LYS A 43 -4.83 33.96 -0.95
C LYS A 43 -5.98 33.58 -0.04
N LEU A 44 -6.28 34.46 0.92
CA LEU A 44 -7.52 34.36 1.69
C LEU A 44 -8.66 34.88 0.84
N VAL A 45 -9.60 34.03 0.49
CA VAL A 45 -10.78 34.45 -0.27
C VAL A 45 -11.87 34.89 0.71
N PRO A 46 -12.18 36.19 0.73
CA PRO A 46 -13.20 36.66 1.65
C PRO A 46 -14.57 36.11 1.22
N LEU A 47 -15.35 35.66 2.20
CA LEU A 47 -16.67 35.11 1.93
C LEU A 47 -17.84 36.07 2.18
N GLY A 48 -17.56 37.26 2.68
CA GLY A 48 -18.57 38.31 2.80
C GLY A 48 -19.64 38.12 3.85
N VAL A 49 -19.41 37.18 4.78
CA VAL A 49 -20.38 36.83 5.80
C VAL A 49 -19.75 36.72 7.18
N ALA A 50 -20.49 37.17 8.19
CA ALA A 50 -20.12 37.02 9.62
C ALA A 50 -21.35 36.42 10.28
N MET A 51 -21.16 35.56 11.27
CA MET A 51 -22.30 34.82 11.82
C MET A 51 -22.16 34.64 13.32
N GLU A 52 -23.30 34.64 13.98
CA GLU A 52 -23.40 34.21 15.36
C GLU A 52 -24.08 32.85 15.37
N LEU A 53 -23.26 31.84 15.63
CA LEU A 53 -23.71 30.44 15.62
C LEU A 53 -24.41 30.13 16.93
N PRO A 54 -25.18 29.04 16.96
CA PRO A 54 -25.89 28.68 18.19
C PRO A 54 -24.93 28.36 19.29
N GLU A 55 -25.30 28.72 20.53
CA GLU A 55 -24.48 28.39 21.70
C GLU A 55 -24.11 26.91 21.66
N GLY A 56 -22.85 26.62 21.91
CA GLY A 56 -22.36 25.24 21.97
C GLY A 56 -22.08 24.58 20.64
N TYR A 57 -22.17 25.35 19.56
CA TYR A 57 -21.88 24.83 18.21
C TYR A 57 -20.65 25.49 17.58
N GLU A 58 -20.15 24.81 16.55
CA GLU A 58 -19.08 25.30 15.70
C GLU A 58 -19.45 25.02 14.25
N ALA A 59 -18.84 25.76 13.33
CA ALA A 59 -19.03 25.51 11.90
C ALA A 59 -17.78 24.87 11.32
N HIS A 60 -17.96 24.00 10.34
CA HIS A 60 -16.85 23.41 9.58
C HIS A 60 -16.96 23.85 8.15
N VAL A 61 -15.87 24.25 7.55
CA VAL A 61 -15.84 24.77 6.16
C VAL A 61 -14.86 23.91 5.34
N VAL A 62 -15.33 23.36 4.22
CA VAL A 62 -14.51 22.59 3.29
C VAL A 62 -14.80 23.11 1.85
N PRO A 63 -13.93 22.76 0.89
CA PRO A 63 -14.24 23.10 -0.52
C PRO A 63 -15.52 22.40 -1.00
N ARG A 64 -16.13 22.92 -2.07
CA ARG A 64 -17.18 22.16 -2.70
C ARG A 64 -16.51 21.05 -3.52
N SER A 65 -17.28 20.05 -3.88
CA SER A 65 -16.80 18.94 -4.70
CA SER A 65 -16.76 18.94 -4.69
C SER A 65 -16.13 19.44 -6.00
N SER A 66 -16.75 20.42 -6.64
CA SER A 66 -16.30 20.92 -7.95
C SER A 66 -15.29 22.06 -7.89
N THR A 67 -14.91 22.48 -6.69
CA THR A 67 -14.00 23.64 -6.54
C THR A 67 -12.67 23.44 -7.24
N TYR A 68 -12.07 22.25 -7.07
CA TYR A 68 -10.74 21.99 -7.66
C TYR A 68 -10.84 21.97 -9.19
N LYS A 69 -11.81 21.22 -9.73
CA LYS A 69 -12.02 21.13 -11.16
C LYS A 69 -12.18 22.51 -11.77
N ASN A 70 -12.93 23.40 -11.13
CA ASN A 70 -13.26 24.67 -11.77
C ASN A 70 -12.26 25.77 -11.47
N PHE A 71 -11.58 25.68 -10.33
CA PHE A 71 -10.68 26.76 -9.88
C PHE A 71 -9.24 26.40 -9.61
N GLY A 72 -8.93 25.12 -9.47
CA GLY A 72 -7.56 24.68 -9.33
C GLY A 72 -6.97 25.01 -7.97
N VAL A 73 -7.84 25.21 -6.96
CA VAL A 73 -7.38 25.54 -5.62
C VAL A 73 -7.69 24.41 -4.63
N ILE A 74 -6.83 24.28 -3.62
CA ILE A 74 -7.08 23.46 -2.44
C ILE A 74 -7.18 24.39 -1.23
N GLN A 75 -7.76 23.86 -0.15
CA GLN A 75 -7.91 24.59 1.10
C GLN A 75 -6.76 24.27 2.04
N THR A 76 -5.95 25.27 2.37
CA THR A 76 -4.68 24.98 3.01
C THR A 76 -4.80 24.39 4.42
N ASN A 77 -5.87 24.75 5.15
CA ASN A 77 -6.09 24.24 6.50
C ASN A 77 -6.97 22.97 6.55
N SER A 78 -7.19 22.39 5.37
CA SER A 78 -8.05 21.18 5.16
C SER A 78 -9.52 21.50 5.39
N MET A 79 -9.85 21.74 6.64
CA MET A 79 -11.19 22.08 7.08
CA MET A 79 -11.19 22.10 7.06
C MET A 79 -11.07 23.23 8.07
N GLY A 80 -11.84 24.28 7.87
CA GLY A 80 -11.80 25.44 8.74
C GLY A 80 -12.81 25.29 9.84
N VAL A 81 -12.38 25.58 11.06
CA VAL A 81 -13.27 25.56 12.21
C VAL A 81 -13.63 26.98 12.62
N ILE A 82 -14.93 27.26 12.69
CA ILE A 82 -15.46 28.54 13.18
C ILE A 82 -16.15 28.30 14.51
N ASP A 83 -15.53 28.78 15.60
CA ASP A 83 -16.07 28.58 16.93
C ASP A 83 -17.23 29.54 17.16
N GLU A 84 -18.10 29.17 18.10
CA GLU A 84 -19.22 30.02 18.52
C GLU A 84 -18.74 31.41 18.92
N SER A 85 -17.50 31.51 19.41
CA SER A 85 -16.96 32.78 19.88
C SER A 85 -16.61 33.75 18.75
N TYR A 86 -16.48 33.26 17.51
CA TYR A 86 -16.20 34.11 16.35
C TYR A 86 -17.52 34.68 15.85
N LYS A 87 -18.07 35.60 16.65
CA LYS A 87 -19.43 36.13 16.49
C LYS A 87 -19.47 37.66 16.45
N GLY A 88 -18.30 38.30 16.37
CA GLY A 88 -18.20 39.74 16.36
C GLY A 88 -18.59 40.40 15.06
N ASP A 89 -18.83 41.70 15.15
CA ASP A 89 -19.29 42.50 14.03
C ASP A 89 -18.29 42.54 12.87
N ASN A 90 -17.00 42.34 13.16
CA ASN A 90 -15.98 42.27 12.13
C ASN A 90 -15.38 40.88 11.93
N ASP A 91 -16.07 39.87 12.42
CA ASP A 91 -15.56 38.50 12.31
C ASP A 91 -16.07 37.85 11.02
N PHE A 92 -15.65 38.40 9.90
CA PHE A 92 -15.98 37.81 8.59
C PHE A 92 -15.19 36.52 8.27
N TRP A 93 -15.87 35.60 7.60
CA TRP A 93 -15.29 34.32 7.23
C TRP A 93 -14.46 34.40 5.98
N PHE A 94 -13.47 33.52 5.86
CA PHE A 94 -12.61 33.42 4.69
C PHE A 94 -12.37 31.95 4.33
N PHE A 95 -11.98 31.74 3.08
CA PHE A 95 -11.60 30.43 2.57
C PHE A 95 -10.14 30.54 2.19
N PRO A 96 -9.27 29.81 2.91
CA PRO A 96 -7.84 29.91 2.58
C PRO A 96 -7.44 29.03 1.40
N ALA A 97 -7.07 29.66 0.28
CA ALA A 97 -6.87 28.98 -1.02
C ALA A 97 -5.42 28.96 -1.47
N TYR A 98 -4.92 27.77 -1.83
CA TYR A 98 -3.61 27.62 -2.49
C TYR A 98 -3.89 27.14 -3.91
N ALA A 99 -3.37 27.89 -4.89
CA ALA A 99 -3.60 27.62 -6.29
C ALA A 99 -2.52 26.67 -6.83
N LEU A 100 -2.96 25.55 -7.39
CA LEU A 100 -2.07 24.59 -8.04
C LEU A 100 -1.86 24.97 -9.51
N ARG A 101 -2.60 25.97 -9.96
CA ARG A 101 -2.42 26.60 -11.28
C ARG A 101 -2.93 28.03 -11.22
N ASP A 102 -2.49 28.88 -12.14
CA ASP A 102 -3.02 30.23 -12.23
C ASP A 102 -4.54 30.14 -12.28
N THR A 103 -5.20 30.99 -11.50
CA THR A 103 -6.64 30.95 -11.44
C THR A 103 -7.25 32.31 -11.17
N LYS A 104 -8.52 32.41 -11.50
CA LYS A 104 -9.31 33.60 -11.23
C LYS A 104 -10.61 33.14 -10.57
N ILE A 105 -10.95 33.74 -9.44
CA ILE A 105 -12.24 33.53 -8.81
C ILE A 105 -12.97 34.84 -8.94
N LYS A 106 -14.22 34.80 -9.36
CA LYS A 106 -14.96 36.04 -9.57
C LYS A 106 -15.94 36.28 -8.40
N LYS A 107 -16.16 37.56 -8.08
CA LYS A 107 -17.19 37.97 -7.12
C LYS A 107 -18.45 37.17 -7.35
N GLY A 108 -18.99 36.58 -6.29
CA GLY A 108 -20.23 35.81 -6.37
C GLY A 108 -20.06 34.32 -6.64
N ASP A 109 -18.87 33.88 -7.07
CA ASP A 109 -18.60 32.44 -7.29
C ASP A 109 -18.72 31.67 -5.98
N ARG A 110 -19.48 30.59 -6.01
CA ARG A 110 -19.50 29.64 -4.90
C ARG A 110 -18.14 28.94 -4.84
N ILE A 111 -17.54 28.92 -3.66
CA ILE A 111 -16.14 28.47 -3.51
C ILE A 111 -15.97 27.42 -2.39
N CYS A 112 -16.88 27.37 -1.43
CA CYS A 112 -16.79 26.38 -0.35
C CYS A 112 -18.16 26.15 0.26
N GLN A 113 -18.21 25.28 1.26
CA GLN A 113 -19.48 24.92 1.87
C GLN A 113 -19.28 24.74 3.37
N PHE A 114 -20.34 24.96 4.14
CA PHE A 114 -20.26 24.75 5.59
C PHE A 114 -21.47 24.04 6.16
N ARG A 115 -21.26 23.46 7.33
CA ARG A 115 -22.30 23.01 8.23
C ARG A 115 -21.93 23.33 9.67
N ILE A 116 -22.91 23.23 10.55
CA ILE A 116 -22.63 23.35 11.97
C ILE A 116 -22.65 21.96 12.60
N MET A 117 -21.94 21.89 13.72
CA MET A 117 -21.83 20.67 14.53
CA MET A 117 -21.87 20.67 14.53
C MET A 117 -21.74 21.10 15.99
N LYS A 118 -22.28 20.27 16.90
CA LYS A 118 -22.12 20.48 18.35
C LYS A 118 -20.64 20.38 18.67
N LYS A 119 -20.14 21.30 19.50
CA LYS A 119 -18.76 21.20 19.99
C LYS A 119 -18.60 19.96 20.85
N MET A 120 -17.37 19.50 20.99
CA MET A 120 -17.14 18.30 21.78
C MET A 120 -17.56 18.57 23.22
N PRO A 121 -17.95 17.50 23.94
CA PRO A 121 -18.38 17.74 25.32
C PRO A 121 -17.20 18.13 26.21
N ALA A 122 -17.51 18.66 27.39
CA ALA A 122 -16.50 18.89 28.42
C ALA A 122 -15.80 17.55 28.68
N VAL A 123 -14.47 17.59 28.70
CA VAL A 123 -13.65 16.40 28.90
C VAL A 123 -12.58 16.70 29.94
N ASP A 124 -12.17 15.67 30.68
CA ASP A 124 -11.15 15.79 31.71
C ASP A 124 -9.86 15.13 31.20
N LEU A 125 -8.88 15.95 30.86
CA LEU A 125 -7.56 15.45 30.51
C LEU A 125 -6.82 15.12 31.78
N ILE A 126 -6.41 13.87 31.92
CA ILE A 126 -5.64 13.45 33.08
C ILE A 126 -4.32 12.79 32.62
N GLU A 127 -3.20 13.38 33.00
CA GLU A 127 -1.91 12.79 32.62
C GLU A 127 -1.69 11.47 33.34
N VAL A 128 -1.10 10.52 32.63
CA VAL A 128 -0.68 9.25 33.21
C VAL A 128 0.76 8.99 32.80
N ASP A 129 1.49 8.25 33.63
CA ASP A 129 2.85 7.87 33.28
C ASP A 129 2.89 6.73 32.25
N ARG A 130 1.79 5.99 32.13
CA ARG A 130 1.70 4.89 31.17
C ARG A 130 0.25 4.56 30.78
N LEU A 131 0.11 3.90 29.64
CA LEU A 131 -1.21 3.49 29.13
C LEU A 131 -1.29 1.95 29.02
N ALA B 3 -27.82 -1.64 13.64
CA ALA B 3 -29.29 -1.41 13.57
C ALA B 3 -29.69 -0.72 12.26
N MET B 4 -29.26 0.53 12.03
CA MET B 4 -29.56 1.25 10.77
C MET B 4 -28.96 0.51 9.57
N GLN B 5 -29.34 0.90 8.36
CA GLN B 5 -28.91 0.21 7.16
C GLN B 5 -28.32 1.13 6.08
N ILE B 6 -27.24 0.69 5.46
CA ILE B 6 -26.71 1.30 4.23
C ILE B 6 -26.88 0.28 3.10
N LYS B 7 -27.59 0.68 2.05
CA LYS B 7 -27.75 -0.15 0.86
C LYS B 7 -26.60 0.17 -0.06
N ILE B 8 -25.84 -0.85 -0.44
CA ILE B 8 -24.66 -0.66 -1.27
C ILE B 8 -24.75 -1.48 -2.55
N LYS B 9 -24.45 -0.83 -3.66
CA LYS B 9 -24.50 -1.43 -4.98
C LYS B 9 -23.14 -1.27 -5.61
N TYR B 10 -22.65 -2.33 -6.25
CA TYR B 10 -21.34 -2.32 -6.87
C TYR B 10 -21.40 -2.16 -8.39
N LEU B 11 -20.32 -1.59 -8.94
CA LEU B 11 -20.19 -1.35 -10.37
C LEU B 11 -20.33 -2.64 -11.12
N ASP B 12 -19.71 -3.70 -10.60
CA ASP B 12 -19.72 -5.02 -11.24
C ASP B 12 -19.21 -6.09 -10.28
N GLU B 13 -19.18 -7.34 -10.71
CA GLU B 13 -18.80 -8.42 -9.80
C GLU B 13 -17.31 -8.44 -9.47
N THR B 14 -16.50 -7.75 -10.26
CA THR B 14 -15.05 -7.72 -9.97
C THR B 14 -14.66 -6.82 -8.80
N GLN B 15 -15.59 -5.97 -8.35
CA GLN B 15 -15.34 -5.06 -7.26
C GLN B 15 -15.29 -5.91 -5.98
N THR B 16 -14.24 -5.75 -5.18
CA THR B 16 -14.14 -6.48 -3.94
C THR B 16 -15.07 -5.86 -2.92
N ARG B 17 -16.00 -6.66 -2.38
CA ARG B 17 -17.04 -6.16 -1.49
C ARG B 17 -16.44 -5.60 -0.20
N ILE B 18 -17.07 -4.54 0.27
CA ILE B 18 -16.63 -3.77 1.41
C ILE B 18 -17.13 -4.42 2.69
N ASN B 19 -16.26 -4.43 3.70
CA ASN B 19 -16.56 -5.00 5.00
C ASN B 19 -16.53 -3.94 6.07
N LYS B 20 -17.57 -3.94 6.90
CA LYS B 20 -17.76 -2.92 7.93
C LYS B 20 -16.96 -3.32 9.14
N MET B 21 -16.32 -2.34 9.77
CA MET B 21 -15.58 -2.55 10.98
C MET B 21 -16.61 -2.65 12.12
N GLU B 22 -16.69 -3.81 12.77
CA GLU B 22 -17.76 -4.06 13.76
C GLU B 22 -17.85 -3.00 14.89
N GLN B 23 -16.70 -2.45 15.31
CA GLN B 23 -16.66 -1.53 16.46
C GLN B 23 -16.86 -0.03 16.10
N GLY B 24 -17.33 0.27 14.89
CA GLY B 24 -17.69 1.64 14.48
C GLY B 24 -16.59 2.46 13.80
N ASP B 25 -15.47 1.81 13.47
CA ASP B 25 -14.36 2.44 12.77
C ASP B 25 -14.82 2.93 11.43
N TRP B 26 -14.11 3.93 10.90
CA TRP B 26 -14.33 4.32 9.53
C TRP B 26 -14.05 3.15 8.62
N ILE B 27 -14.71 3.15 7.48
CA ILE B 27 -14.73 2.04 6.56
C ILE B 27 -13.92 2.35 5.29
N ASP B 28 -12.97 1.47 4.95
CA ASP B 28 -12.10 1.69 3.79
C ASP B 28 -12.80 1.39 2.46
N LEU B 29 -12.55 2.24 1.48
CA LEU B 29 -13.03 2.05 0.13
C LEU B 29 -11.87 1.83 -0.84
N ARG B 30 -12.18 1.14 -1.95
CA ARG B 30 -11.16 0.60 -2.86
C ARG B 30 -11.27 1.17 -4.26
N ALA B 31 -10.12 1.42 -4.86
CA ALA B 31 -10.03 1.81 -6.26
C ALA B 31 -10.66 0.75 -7.15
N ALA B 32 -11.51 1.20 -8.08
CA ALA B 32 -12.31 0.28 -8.90
C ALA B 32 -11.56 -0.25 -10.13
N GLU B 33 -10.43 0.38 -10.45
CA GLU B 33 -9.62 0.02 -11.62
C GLU B 33 -8.22 0.56 -11.33
N ASP B 34 -7.24 0.08 -12.10
CA ASP B 34 -5.89 0.67 -12.06
C ASP B 34 -5.97 2.13 -12.50
N VAL B 35 -5.24 3.00 -11.81
CA VAL B 35 -5.17 4.40 -12.18
C VAL B 35 -3.71 4.88 -12.08
N ALA B 36 -3.19 5.40 -13.19
CA ALA B 36 -1.88 6.03 -13.26
C ALA B 36 -2.07 7.55 -13.24
N ILE B 37 -1.36 8.25 -12.35
CA ILE B 37 -1.44 9.70 -12.29
C ILE B 37 -0.04 10.27 -12.32
N LYS B 38 0.21 11.21 -13.22
CA LYS B 38 1.54 11.84 -13.28
C LYS B 38 1.66 12.90 -12.21
N LYS B 39 2.89 13.20 -11.82
CA LYS B 39 3.13 14.25 -10.89
C LYS B 39 2.42 15.54 -11.35
N ASP B 40 1.79 16.20 -10.40
CA ASP B 40 1.06 17.46 -10.59
C ASP B 40 -0.14 17.35 -11.55
N GLU B 41 -0.72 16.16 -11.63
CA GLU B 41 -1.94 15.94 -12.38
C GLU B 41 -3.03 15.36 -11.46
N PHE B 42 -4.25 15.36 -11.96
CA PHE B 42 -5.44 15.09 -11.18
C PHE B 42 -6.19 13.97 -11.85
N LYS B 43 -6.87 13.17 -11.04
CA LYS B 43 -7.71 12.08 -11.53
C LYS B 43 -8.79 11.78 -10.48
N LEU B 44 -10.03 11.65 -10.94
CA LEU B 44 -11.13 11.26 -10.09
C LEU B 44 -11.10 9.77 -10.06
N VAL B 45 -10.59 9.17 -8.98
CA VAL B 45 -10.44 7.71 -8.86
C VAL B 45 -11.79 7.06 -8.51
N PRO B 46 -12.33 6.20 -9.42
CA PRO B 46 -13.60 5.55 -9.12
C PRO B 46 -13.45 4.58 -7.99
N LEU B 47 -14.44 4.56 -7.10
CA LEU B 47 -14.47 3.61 -5.99
C LEU B 47 -15.41 2.42 -6.21
N GLY B 48 -16.18 2.47 -7.28
CA GLY B 48 -16.95 1.30 -7.73
C GLY B 48 -18.17 0.97 -6.89
N VAL B 49 -18.58 1.90 -6.04
CA VAL B 49 -19.72 1.76 -5.13
C VAL B 49 -20.69 2.94 -5.27
N ALA B 50 -21.99 2.63 -5.14
CA ALA B 50 -23.09 3.57 -4.99
C ALA B 50 -23.85 3.11 -3.75
N MET B 51 -24.35 4.04 -2.97
CA MET B 51 -25.00 3.74 -1.70
C MET B 51 -26.23 4.58 -1.49
N GLU B 52 -27.23 3.98 -0.83
CA GLU B 52 -28.32 4.70 -0.25
C GLU B 52 -28.06 4.75 1.26
N LEU B 53 -27.71 5.93 1.74
CA LEU B 53 -27.48 6.13 3.16
C LEU B 53 -28.78 6.23 3.96
N PRO B 54 -28.70 5.98 5.28
CA PRO B 54 -29.92 6.16 6.09
C PRO B 54 -30.49 7.56 5.99
N GLU B 55 -31.80 7.68 6.04
CA GLU B 55 -32.45 8.98 5.98
C GLU B 55 -31.93 9.92 7.07
N GLY B 56 -31.63 11.15 6.65
CA GLY B 56 -31.16 12.18 7.59
C GLY B 56 -29.68 12.11 7.87
N TYR B 57 -28.96 11.24 7.14
CA TYR B 57 -27.52 11.11 7.28
C TYR B 57 -26.77 11.52 6.03
N GLU B 58 -25.48 11.80 6.23
CA GLU B 58 -24.54 12.04 5.17
C GLU B 58 -23.31 11.20 5.41
N ALA B 59 -22.48 11.07 4.39
CA ALA B 59 -21.19 10.39 4.55
C ALA B 59 -20.04 11.37 4.35
N HIS B 60 -18.96 11.12 5.07
CA HIS B 60 -17.75 11.91 4.98
C HIS B 60 -16.62 11.03 4.48
N VAL B 61 -15.89 11.49 3.47
CA VAL B 61 -14.78 10.73 2.87
C VAL B 61 -13.47 11.50 3.04
N VAL B 62 -12.48 10.85 3.63
CA VAL B 62 -11.11 11.38 3.76
C VAL B 62 -10.08 10.34 3.33
N PRO B 63 -8.84 10.79 3.03
CA PRO B 63 -7.80 9.78 2.80
C PRO B 63 -7.57 8.86 4.00
N ARG B 64 -7.00 7.69 3.76
CA ARG B 64 -6.47 6.89 4.86
C ARG B 64 -5.17 7.54 5.31
N SER B 65 -4.78 7.28 6.55
CA SER B 65 -3.49 7.79 7.05
CA SER B 65 -3.48 7.75 7.07
C SER B 65 -2.33 7.37 6.14
N SER B 66 -2.43 6.20 5.52
CA SER B 66 -1.35 5.64 4.70
CA SER B 66 -1.35 5.66 4.69
C SER B 66 -1.46 6.01 3.22
N THR B 67 -2.48 6.74 2.83
CA THR B 67 -2.68 7.06 1.41
C THR B 67 -1.52 7.81 0.80
N TYR B 68 -1.02 8.81 1.51
CA TYR B 68 0.08 9.60 0.95
C TYR B 68 1.37 8.75 0.84
N LYS B 69 1.75 8.08 1.93
CA LYS B 69 2.94 7.21 1.95
C LYS B 69 2.86 6.16 0.83
N ASN B 70 1.71 5.53 0.70
CA ASN B 70 1.53 4.45 -0.28
C ASN B 70 1.44 4.97 -1.70
N PHE B 71 0.73 6.08 -1.90
CA PHE B 71 0.34 6.53 -3.25
C PHE B 71 0.71 7.95 -3.65
N GLY B 72 1.22 8.76 -2.73
CA GLY B 72 1.69 10.11 -3.09
C GLY B 72 0.59 11.06 -3.58
N VAL B 73 -0.64 10.80 -3.18
CA VAL B 73 -1.77 11.68 -3.52
C VAL B 73 -2.40 12.34 -2.30
N ILE B 74 -2.97 13.51 -2.57
CA ILE B 74 -3.80 14.23 -1.63
C ILE B 74 -5.23 14.30 -2.20
N GLN B 75 -6.18 14.60 -1.33
CA GLN B 75 -7.59 14.67 -1.69
C GLN B 75 -7.95 16.14 -1.92
N THR B 76 -8.26 16.49 -3.17
CA THR B 76 -8.35 17.91 -3.52
C THR B 76 -9.48 18.68 -2.83
N ASN B 77 -10.59 18.00 -2.52
CA ASN B 77 -11.71 18.61 -1.80
C ASN B 77 -11.63 18.50 -0.28
N SER B 78 -10.48 18.05 0.25
CA SER B 78 -10.22 17.85 1.71
C SER B 78 -11.01 16.70 2.31
N MET B 79 -12.33 16.88 2.37
CA MET B 79 -13.24 15.86 2.84
C MET B 79 -14.43 15.90 1.90
N GLY B 80 -14.75 14.74 1.32
CA GLY B 80 -15.94 14.60 0.48
C GLY B 80 -17.19 14.46 1.33
N VAL B 81 -18.25 15.17 0.93
CA VAL B 81 -19.56 15.08 1.58
C VAL B 81 -20.50 14.36 0.61
N ILE B 82 -21.05 13.24 1.06
CA ILE B 82 -22.02 12.52 0.27
C ILE B 82 -23.38 12.63 0.95
N ASP B 83 -24.32 13.35 0.31
CA ASP B 83 -25.61 13.57 0.94
C ASP B 83 -26.51 12.35 0.75
N GLU B 84 -27.51 12.23 1.62
CA GLU B 84 -28.51 11.18 1.52
C GLU B 84 -29.13 11.15 0.13
N SER B 85 -29.23 12.30 -0.51
CA SER B 85 -29.89 12.36 -1.83
C SER B 85 -29.06 11.74 -2.96
N TYR B 86 -27.77 11.52 -2.74
CA TYR B 86 -26.91 10.90 -3.76
C TYR B 86 -27.08 9.40 -3.65
N LYS B 87 -28.23 8.91 -4.08
CA LYS B 87 -28.64 7.54 -3.83
C LYS B 87 -29.15 6.85 -5.09
N GLY B 88 -28.86 7.43 -6.25
CA GLY B 88 -29.33 6.87 -7.51
C GLY B 88 -28.51 5.69 -7.98
N ASP B 89 -29.08 4.93 -8.91
CA ASP B 89 -28.44 3.75 -9.44
C ASP B 89 -27.12 4.03 -10.13
N ASN B 90 -26.91 5.27 -10.56
CA ASN B 90 -25.66 5.65 -11.21
C ASN B 90 -24.84 6.63 -10.38
N ASP B 91 -25.16 6.76 -9.09
CA ASP B 91 -24.47 7.74 -8.26
C ASP B 91 -23.25 7.07 -7.59
N PHE B 92 -22.26 6.75 -8.41
CA PHE B 92 -21.01 6.14 -7.94
C PHE B 92 -20.07 7.14 -7.28
N TRP B 93 -19.40 6.65 -6.25
CA TRP B 93 -18.50 7.45 -5.48
C TRP B 93 -17.13 7.48 -6.11
N PHE B 94 -16.48 8.62 -5.93
N PHE B 94 -16.46 8.60 -5.85
CA PHE B 94 -15.10 8.80 -6.41
CA PHE B 94 -15.12 8.84 -6.37
C PHE B 94 -14.21 9.38 -5.32
C PHE B 94 -14.21 9.42 -5.31
N PHE B 95 -12.91 9.27 -5.50
CA PHE B 95 -11.88 9.91 -4.68
C PHE B 95 -11.08 10.84 -5.56
N PRO B 96 -11.18 12.15 -5.29
CA PRO B 96 -10.50 13.14 -6.14
C PRO B 96 -9.06 13.31 -5.70
N ALA B 97 -8.17 12.77 -6.53
CA ALA B 97 -6.73 12.61 -6.23
C ALA B 97 -5.87 13.57 -7.03
N TYR B 98 -5.06 14.34 -6.32
CA TYR B 98 -3.96 15.11 -6.94
C TYR B 98 -2.63 14.48 -6.53
N ALA B 99 -1.83 14.14 -7.52
CA ALA B 99 -0.57 13.43 -7.29
C ALA B 99 0.59 14.42 -7.14
N LEU B 100 1.30 14.25 -6.03
CA LEU B 100 2.49 15.05 -5.74
C LEU B 100 3.78 14.36 -6.23
N ARG B 101 3.63 13.16 -6.77
CA ARG B 101 4.66 12.41 -7.47
C ARG B 101 3.99 11.48 -8.48
N ASP B 102 4.73 11.03 -9.49
CA ASP B 102 4.23 10.01 -10.41
C ASP B 102 3.79 8.84 -9.52
N THR B 103 2.63 8.28 -9.83
CA THR B 103 2.09 7.22 -9.01
C THR B 103 1.18 6.31 -9.82
N LYS B 104 1.00 5.11 -9.32
CA LYS B 104 0.03 4.17 -9.85
C LYS B 104 -0.74 3.64 -8.67
N ILE B 105 -2.06 3.62 -8.83
CA ILE B 105 -2.94 3.02 -7.86
C ILE B 105 -3.48 1.76 -8.51
N LYS B 106 -3.53 0.66 -7.76
CA LYS B 106 -3.97 -0.61 -8.34
C LYS B 106 -5.41 -0.91 -7.98
N LYS B 107 -6.12 -1.54 -8.91
CA LYS B 107 -7.50 -1.96 -8.62
C LYS B 107 -7.50 -2.69 -7.28
N GLY B 108 -8.44 -2.31 -6.43
CA GLY B 108 -8.59 -2.93 -5.12
C GLY B 108 -7.88 -2.23 -3.98
N ASP B 109 -6.92 -1.34 -4.29
CA ASP B 109 -6.19 -0.65 -3.23
C ASP B 109 -7.13 0.17 -2.36
N ARG B 110 -6.99 0.04 -1.05
CA ARG B 110 -7.77 0.81 -0.09
C ARG B 110 -7.14 2.22 -0.03
N ILE B 111 -7.83 3.18 -0.63
CA ILE B 111 -7.26 4.52 -0.80
CA ILE B 111 -7.29 4.53 -0.85
C ILE B 111 -7.91 5.61 0.03
N CYS B 112 -9.11 5.35 0.54
CA CYS B 112 -9.79 6.35 1.35
C CYS B 112 -10.74 5.66 2.32
N GLN B 113 -11.35 6.44 3.21
CA GLN B 113 -12.21 5.88 4.22
C GLN B 113 -13.40 6.77 4.43
N PHE B 114 -14.48 6.17 4.91
CA PHE B 114 -15.69 6.92 5.17
C PHE B 114 -16.40 6.54 6.47
N ARG B 115 -17.23 7.48 6.94
CA ARG B 115 -18.21 7.26 8.02
C ARG B 115 -19.46 8.02 7.66
N ILE B 116 -20.54 7.69 8.36
CA ILE B 116 -21.75 8.47 8.28
C ILE B 116 -21.86 9.37 9.51
N MET B 117 -22.63 10.45 9.36
CA MET B 117 -22.92 11.37 10.44
C MET B 117 -24.31 11.93 10.21
N LYS B 118 -25.07 12.16 11.28
CA LYS B 118 -26.38 12.81 11.13
C LYS B 118 -26.16 14.18 10.48
N LYS B 119 -27.03 14.52 9.53
CA LYS B 119 -27.03 15.87 8.96
C LYS B 119 -27.33 16.92 10.04
N MET B 120 -26.88 18.14 9.79
CA MET B 120 -27.15 19.20 10.74
C MET B 120 -28.66 19.40 10.87
N PRO B 121 -29.11 19.82 12.05
CA PRO B 121 -30.54 20.01 12.18
C PRO B 121 -30.99 21.22 11.35
N ALA B 122 -32.31 21.36 11.18
CA ALA B 122 -32.89 22.54 10.55
C ALA B 122 -32.49 23.78 11.34
N VAL B 123 -32.01 24.82 10.66
CA VAL B 123 -31.72 26.08 11.31
C VAL B 123 -32.37 27.26 10.57
N ASP B 124 -32.74 28.27 11.33
CA ASP B 124 -33.31 29.49 10.77
CA ASP B 124 -33.32 29.50 10.81
C ASP B 124 -32.18 30.50 10.59
N LEU B 125 -31.85 30.81 9.34
CA LEU B 125 -30.86 31.83 9.00
C LEU B 125 -31.51 33.20 9.03
N ILE B 126 -31.00 34.11 9.85
CA ILE B 126 -31.65 35.41 10.05
C ILE B 126 -30.65 36.52 9.81
N GLU B 127 -30.94 37.35 8.82
CA GLU B 127 -30.06 38.46 8.52
C GLU B 127 -30.21 39.56 9.56
N VAL B 128 -29.07 40.10 9.99
CA VAL B 128 -29.02 41.24 10.91
C VAL B 128 -28.03 42.27 10.37
N ASP B 129 -28.16 43.50 10.81
CA ASP B 129 -27.27 44.55 10.42
C ASP B 129 -26.02 44.69 11.22
N ARG B 130 -26.05 44.22 12.44
CA ARG B 130 -24.89 44.25 13.32
C ARG B 130 -24.90 42.98 14.16
N LEU B 131 -23.71 42.52 14.56
CA LEU B 131 -23.59 41.43 15.52
C LEU B 131 -22.99 41.93 16.84
N MET C 4 -16.60 12.73 31.42
CA MET C 4 -15.75 12.07 30.37
C MET C 4 -14.30 12.51 30.51
N GLN C 5 -13.39 11.55 30.36
CA GLN C 5 -11.96 11.84 30.51
C GLN C 5 -11.10 11.14 29.46
N ILE C 6 -9.94 11.74 29.22
CA ILE C 6 -8.92 11.21 28.33
C ILE C 6 -7.67 11.06 29.17
N LYS C 7 -7.07 9.88 29.10
CA LYS C 7 -5.77 9.64 29.72
C LYS C 7 -4.68 10.02 28.71
N ILE C 8 -3.75 10.88 29.12
CA ILE C 8 -2.72 11.37 28.22
C ILE C 8 -1.34 11.02 28.79
N LYS C 9 -0.50 10.46 27.93
CA LYS C 9 0.87 10.13 28.24
C LYS C 9 1.73 11.00 27.33
N TYR C 10 2.71 11.69 27.90
CA TYR C 10 3.64 12.51 27.12
C TYR C 10 4.94 11.75 26.82
N LEU C 11 5.55 12.06 25.68
CA LEU C 11 6.78 11.40 25.24
C LEU C 11 7.89 11.51 26.29
N ASP C 12 7.97 12.67 26.94
CA ASP C 12 9.00 12.96 27.93
C ASP C 12 8.63 14.21 28.73
N GLU C 13 9.46 14.55 29.71
CA GLU C 13 9.17 15.62 30.66
C GLU C 13 9.19 17.02 30.04
N THR C 14 9.83 17.15 28.88
CA THR C 14 10.01 18.45 28.23
C THR C 14 8.82 18.83 27.33
N GLN C 15 7.91 17.89 27.07
CA GLN C 15 6.75 18.22 26.27
C GLN C 15 5.84 19.13 27.07
N THR C 16 5.29 20.14 26.41
CA THR C 16 4.45 21.10 27.09
C THR C 16 3.10 20.47 27.32
N ARG C 17 2.68 20.41 28.58
CA ARG C 17 1.37 19.85 28.94
C ARG C 17 0.26 20.70 28.31
N ILE C 18 -0.73 20.03 27.69
CA ILE C 18 -1.69 20.73 26.80
C ILE C 18 -2.95 21.25 27.53
N ASN C 19 -3.77 22.05 26.82
CA ASN C 19 -4.91 22.75 27.44
C ASN C 19 -5.95 21.81 28.03
N LYS C 20 -6.55 22.24 29.14
CA LYS C 20 -7.69 21.53 29.71
C LYS C 20 -8.85 21.60 28.70
N MET C 21 -9.85 20.75 28.91
CA MET C 21 -10.92 20.56 27.93
C MET C 21 -12.29 20.84 28.52
N GLU C 22 -12.40 21.95 29.24
CA GLU C 22 -13.66 22.28 29.92
C GLU C 22 -14.66 22.96 28.98
N GLN C 23 -14.18 23.69 27.97
CA GLN C 23 -15.03 24.59 27.21
C GLN C 23 -15.55 24.00 25.90
N GLY C 24 -15.00 22.87 25.45
CA GLY C 24 -15.41 22.27 24.16
C GLY C 24 -14.62 22.76 22.94
N ASP C 25 -13.66 23.67 23.14
CA ASP C 25 -12.84 24.18 22.04
C ASP C 25 -11.95 23.06 21.56
N TRP C 26 -11.51 23.14 20.31
CA TRP C 26 -10.45 22.28 19.84
C TRP C 26 -9.18 22.57 20.62
N ILE C 27 -8.30 21.57 20.68
CA ILE C 27 -7.09 21.63 21.52
C ILE C 27 -5.82 21.56 20.66
N ASP C 28 -4.92 22.52 20.87
CA ASP C 28 -3.71 22.65 20.07
C ASP C 28 -2.65 21.65 20.50
N LEU C 29 -2.09 20.94 19.53
CA LEU C 29 -0.98 20.02 19.72
C LEU C 29 0.29 20.59 19.12
N ARG C 30 1.43 20.12 19.63
CA ARG C 30 2.69 20.81 19.41
C ARG C 30 3.80 19.86 19.01
N ALA C 31 4.76 20.35 18.22
CA ALA C 31 5.92 19.58 17.75
C ALA C 31 6.73 19.10 18.95
N ALA C 32 7.08 17.83 18.95
CA ALA C 32 7.84 17.24 20.06
C ALA C 32 9.33 17.45 19.94
N GLU C 33 9.76 17.85 18.75
CA GLU C 33 11.17 18.10 18.42
C GLU C 33 11.22 19.07 17.22
N ASP C 34 12.41 19.62 16.96
CA ASP C 34 12.63 20.37 15.74
C ASP C 34 12.45 19.46 14.51
N VAL C 35 11.82 19.98 13.48
CA VAL C 35 11.67 19.29 12.23
C VAL C 35 11.91 20.31 11.12
N ALA C 36 12.87 20.02 10.24
CA ALA C 36 13.11 20.82 9.04
C ALA C 36 12.59 20.04 7.83
N ILE C 37 11.79 20.69 6.99
CA ILE C 37 11.21 20.07 5.77
C ILE C 37 11.49 20.93 4.52
N LYS C 38 12.09 20.30 3.52
CA LYS C 38 12.40 20.96 2.27
C LYS C 38 11.13 21.12 1.44
N LYS C 39 11.11 22.14 0.61
CA LYS C 39 10.04 22.30 -0.37
C LYS C 39 9.76 20.97 -1.05
N ASP C 40 8.48 20.61 -1.13
CA ASP C 40 8.03 19.41 -1.85
C ASP C 40 8.50 18.11 -1.22
N GLU C 41 8.72 18.15 0.10
CA GLU C 41 9.01 16.94 0.85
C GLU C 41 8.06 16.81 2.02
N PHE C 42 8.10 15.63 2.61
CA PHE C 42 7.11 15.19 3.58
C PHE C 42 7.78 14.74 4.86
N LYS C 43 7.14 15.02 5.99
CA LYS C 43 7.60 14.52 7.28
C LYS C 43 6.42 14.34 8.23
N LEU C 44 6.47 13.23 8.96
CA LEU C 44 5.57 12.98 10.07
C LEU C 44 6.15 13.72 11.25
N VAL C 45 5.46 14.77 11.63
CA VAL C 45 5.86 15.61 12.75
C VAL C 45 5.32 15.02 14.06
N PRO C 46 6.23 14.58 14.94
CA PRO C 46 5.76 14.00 16.20
C PRO C 46 5.11 15.05 17.10
N LEU C 47 4.00 14.68 17.72
CA LEU C 47 3.29 15.57 18.62
C LEU C 47 3.54 15.30 20.10
N GLY C 48 4.27 14.22 20.39
CA GLY C 48 4.70 13.96 21.77
C GLY C 48 3.64 13.54 22.76
N VAL C 49 2.51 13.07 22.25
CA VAL C 49 1.38 12.65 23.07
C VAL C 49 0.84 11.32 22.59
N ALA C 50 0.40 10.52 23.56
CA ALA C 50 -0.38 9.30 23.35
C ALA C 50 -1.61 9.44 24.23
N MET C 51 -2.76 8.93 23.77
CA MET C 51 -4.00 9.13 24.50
C MET C 51 -4.87 7.89 24.45
N GLU C 52 -5.55 7.64 25.56
CA GLU C 52 -6.64 6.69 25.62
C GLU C 52 -7.93 7.51 25.58
N LEU C 53 -8.57 7.51 24.43
CA LEU C 53 -9.80 8.23 24.24
C LEU C 53 -10.96 7.52 24.93
N PRO C 54 -12.03 8.27 25.22
CA PRO C 54 -13.17 7.61 25.88
C PRO C 54 -13.77 6.54 24.98
N GLU C 55 -14.30 5.49 25.60
CA GLU C 55 -14.92 4.41 24.84
C GLU C 55 -15.98 4.92 23.87
N GLY C 56 -15.93 4.44 22.63
CA GLY C 56 -16.89 4.81 21.59
C GLY C 56 -16.64 6.16 20.93
N TYR C 57 -15.45 6.72 21.14
CA TYR C 57 -15.06 8.01 20.56
C TYR C 57 -13.82 7.87 19.64
N GLU C 58 -13.66 8.86 18.76
CA GLU C 58 -12.49 8.98 17.91
C GLU C 58 -12.02 10.44 18.02
N ALA C 59 -10.76 10.68 17.64
CA ALA C 59 -10.25 12.05 17.57
C ALA C 59 -10.12 12.49 16.12
N HIS C 60 -10.33 13.78 15.86
CA HIS C 60 -10.12 14.39 14.53
C HIS C 60 -9.03 15.41 14.63
N VAL C 61 -8.08 15.39 13.70
CA VAL C 61 -6.91 16.30 13.72
C VAL C 61 -6.80 17.09 12.42
N VAL C 62 -6.69 18.42 12.52
CA VAL C 62 -6.52 19.26 11.34
C VAL C 62 -5.50 20.33 11.67
N PRO C 63 -4.95 20.99 10.64
CA PRO C 63 -4.06 22.13 10.91
C PRO C 63 -4.77 23.23 11.67
N ARG C 64 -4.00 24.06 12.37
CA ARG C 64 -4.54 25.30 12.85
C ARG C 64 -4.72 26.27 11.65
N SER C 65 -5.59 27.24 11.83
CA SER C 65 -5.88 28.18 10.74
CA SER C 65 -5.89 28.20 10.75
CA SER C 65 -5.89 28.22 10.77
C SER C 65 -4.62 28.92 10.28
N SER C 66 -3.72 29.23 11.23
CA SER C 66 -2.49 29.94 10.89
C SER C 66 -1.29 29.07 10.51
N THR C 67 -1.48 27.75 10.46
CA THR C 67 -0.38 26.83 10.17
C THR C 67 0.27 27.05 8.82
N TYR C 68 -0.55 27.22 7.80
CA TYR C 68 0.01 27.41 6.48
C TYR C 68 0.78 28.75 6.40
N LYS C 69 0.17 29.84 6.86
CA LYS C 69 0.86 31.14 6.80
C LYS C 69 2.23 31.06 7.47
N ASN C 70 2.28 30.46 8.64
CA ASN C 70 3.50 30.49 9.43
C ASN C 70 4.51 29.43 9.04
N PHE C 71 4.03 28.28 8.57
CA PHE C 71 4.87 27.12 8.31
C PHE C 71 4.95 26.58 6.88
N GLY C 72 4.01 26.97 6.02
CA GLY C 72 4.03 26.55 4.64
C GLY C 72 3.77 25.08 4.42
N VAL C 73 3.05 24.46 5.36
CA VAL C 73 2.75 23.04 5.26
C VAL C 73 1.26 22.83 5.16
N ILE C 74 0.91 21.74 4.47
CA ILE C 74 -0.46 21.20 4.44
C ILE C 74 -0.47 19.80 5.05
N GLN C 75 -1.64 19.35 5.48
CA GLN C 75 -1.80 18.05 6.08
C GLN C 75 -2.22 17.03 5.01
N THR C 76 -1.32 16.08 4.74
CA THR C 76 -1.46 15.19 3.61
C THR C 76 -2.70 14.32 3.67
N ASN C 77 -3.12 13.92 4.86
CA ASN C 77 -4.35 13.13 5.02
C ASN C 77 -5.62 13.97 5.23
N SER C 78 -5.52 15.30 5.04
CA SER C 78 -6.61 16.28 5.22
C SER C 78 -7.01 16.41 6.67
N MET C 79 -7.66 15.39 7.20
CA MET C 79 -8.08 15.32 8.60
C MET C 79 -7.70 13.93 9.11
N GLY C 80 -6.89 13.87 10.16
CA GLY C 80 -6.48 12.61 10.72
C GLY C 80 -7.61 12.11 11.57
N VAL C 81 -7.84 10.79 11.55
CA VAL C 81 -8.86 10.20 12.38
C VAL C 81 -8.17 9.17 13.25
N ILE C 82 -8.19 9.38 14.56
CA ILE C 82 -7.57 8.46 15.52
C ILE C 82 -8.64 7.72 16.31
N ASP C 83 -8.68 6.42 16.10
CA ASP C 83 -9.65 5.57 16.78
C ASP C 83 -9.33 5.36 18.24
N GLU C 84 -10.38 5.12 19.02
CA GLU C 84 -10.29 4.70 20.43
C GLU C 84 -9.27 3.57 20.67
N SER C 85 -9.08 2.71 19.67
CA SER C 85 -8.17 1.55 19.78
C SER C 85 -6.68 1.93 19.77
N TYR C 86 -6.36 3.13 19.31
CA TYR C 86 -4.98 3.62 19.26
C TYR C 86 -4.68 4.21 20.64
N LYS C 87 -4.57 3.31 21.63
CA LYS C 87 -4.48 3.69 23.04
C LYS C 87 -3.29 3.03 23.72
N GLY C 88 -2.39 2.42 22.93
CA GLY C 88 -1.21 1.73 23.46
C GLY C 88 -0.16 2.68 23.99
N ASP C 89 0.75 2.13 24.78
CA ASP C 89 1.76 2.94 25.48
C ASP C 89 2.78 3.55 24.53
N ASN C 90 2.91 2.99 23.32
CA ASN C 90 3.76 3.55 22.25
C ASN C 90 2.95 4.08 21.06
N ASP C 91 1.66 4.36 21.26
CA ASP C 91 0.81 4.86 20.17
C ASP C 91 0.82 6.38 20.17
N PHE C 92 1.95 6.95 19.83
CA PHE C 92 2.09 8.39 19.79
C PHE C 92 1.51 8.97 18.51
N TRP C 93 1.10 10.22 18.63
CA TRP C 93 0.43 10.95 17.56
C TRP C 93 1.38 11.75 16.71
N PHE C 94 1.06 11.86 15.43
CA PHE C 94 1.88 12.55 14.43
C PHE C 94 1.01 13.45 13.54
N PHE C 95 1.61 14.55 13.09
CA PHE C 95 1.00 15.44 12.11
C PHE C 95 1.71 15.21 10.77
N PRO C 96 0.98 14.66 9.78
CA PRO C 96 1.63 14.34 8.49
C PRO C 96 1.71 15.59 7.59
N ALA C 97 2.91 16.18 7.53
CA ALA C 97 3.13 17.47 6.90
C ALA C 97 3.81 17.38 5.53
N TYR C 98 3.25 18.07 4.54
CA TYR C 98 3.92 18.28 3.26
C TYR C 98 4.21 19.76 3.11
N ALA C 99 5.46 20.08 2.85
CA ALA C 99 5.93 21.45 2.79
C ALA C 99 5.81 21.98 1.36
N LEU C 100 5.10 23.08 1.21
CA LEU C 100 5.02 23.74 -0.09
C LEU C 100 6.17 24.75 -0.29
N ARG C 101 6.99 24.91 0.74
CA ARG C 101 8.22 25.71 0.69
C ARG C 101 9.13 25.19 1.79
N ASP C 102 10.43 25.48 1.69
CA ASP C 102 11.36 25.16 2.77
C ASP C 102 10.78 25.71 4.05
N THR C 103 10.87 24.94 5.11
CA THR C 103 10.31 25.34 6.37
C THR C 103 11.04 24.67 7.52
N LYS C 104 10.90 25.30 8.68
CA LYS C 104 11.49 24.82 9.90
C LYS C 104 10.40 24.91 10.93
N ILE C 105 10.19 23.80 11.63
CA ILE C 105 9.27 23.74 12.74
C ILE C 105 10.11 23.50 13.99
N LYS C 106 9.87 24.28 15.02
CA LYS C 106 10.67 24.21 16.24
C LYS C 106 9.96 23.40 17.32
N LYS C 107 10.73 22.65 18.10
CA LYS C 107 10.18 21.98 19.30
C LYS C 107 9.29 22.94 20.05
N GLY C 108 8.05 22.50 20.32
CA GLY C 108 7.10 23.29 21.12
C GLY C 108 6.13 24.15 20.33
N ASP C 109 6.39 24.32 19.04
CA ASP C 109 5.44 25.03 18.18
C ASP C 109 4.10 24.30 18.09
N ARG C 110 3.02 25.06 18.28
CA ARG C 110 1.68 24.60 17.98
C ARG C 110 1.54 24.41 16.48
N ILE C 111 1.08 23.22 16.07
CA ILE C 111 1.11 22.86 14.66
C ILE C 111 -0.22 22.34 14.13
N CYS C 112 -1.07 21.84 15.02
CA CYS C 112 -2.37 21.33 14.60
C CYS C 112 -3.28 21.32 15.81
N GLN C 113 -4.53 20.92 15.60
CA GLN C 113 -5.56 20.94 16.64
CA GLN C 113 -5.53 20.92 16.65
C GLN C 113 -6.43 19.69 16.53
N PHE C 114 -6.97 19.25 17.65
CA PHE C 114 -7.88 18.10 17.67
C PHE C 114 -9.12 18.33 18.51
N ARG C 115 -10.13 17.50 18.21
CA ARG C 115 -11.28 17.33 19.06
C ARG C 115 -11.65 15.85 19.06
N ILE C 116 -12.54 15.47 19.97
CA ILE C 116 -13.13 14.13 19.90
C ILE C 116 -14.55 14.21 19.39
N MET C 117 -15.01 13.09 18.86
CA MET C 117 -16.37 12.98 18.42
C MET C 117 -16.81 11.55 18.59
N LYS C 118 -18.10 11.37 18.89
CA LYS C 118 -18.64 10.04 19.02
C LYS C 118 -18.42 9.33 17.67
N LYS C 119 -18.05 8.06 17.72
CA LYS C 119 -18.00 7.24 16.51
C LYS C 119 -19.39 7.03 15.88
N MET C 120 -19.42 6.71 14.59
CA MET C 120 -20.69 6.62 13.88
C MET C 120 -21.57 5.54 14.53
N PRO C 121 -22.91 5.69 14.39
CA PRO C 121 -23.80 4.71 15.01
C PRO C 121 -23.67 3.33 14.39
N ALA C 122 -24.23 2.34 15.08
CA ALA C 122 -24.32 0.98 14.56
C ALA C 122 -25.06 0.99 13.23
N VAL C 123 -24.48 0.35 12.22
CA VAL C 123 -25.11 0.27 10.91
C VAL C 123 -24.73 -1.04 10.20
N ASP C 124 -25.67 -1.58 9.42
CA ASP C 124 -25.40 -2.77 8.61
C ASP C 124 -25.21 -2.38 7.15
N LEU C 125 -24.26 -3.01 6.50
CA LEU C 125 -24.02 -2.83 5.08
C LEU C 125 -24.74 -3.95 4.32
N ILE C 126 -25.69 -3.59 3.46
CA ILE C 126 -26.55 -4.56 2.75
C ILE C 126 -26.36 -4.39 1.24
N GLU C 127 -25.80 -5.40 0.58
CA GLU C 127 -25.65 -5.35 -0.85
C GLU C 127 -27.01 -5.48 -1.54
N VAL C 128 -27.27 -4.57 -2.47
CA VAL C 128 -28.44 -4.66 -3.34
C VAL C 128 -27.98 -4.66 -4.80
N ASP C 129 -28.82 -5.17 -5.68
CA ASP C 129 -28.49 -5.27 -7.10
C ASP C 129 -28.87 -4.01 -7.88
N ARG C 130 -29.63 -3.14 -7.24
CA ARG C 130 -30.08 -1.89 -7.89
C ARG C 130 -30.49 -0.88 -6.81
N LEU C 131 -30.22 0.41 -7.07
CA LEU C 131 -30.80 1.50 -6.29
C LEU C 131 -31.86 2.20 -7.16
N ALA D 3 17.61 -15.55 -32.53
CA ALA D 3 16.39 -15.92 -33.31
C ALA D 3 15.22 -15.00 -32.93
N MET D 4 15.00 -14.84 -31.62
CA MET D 4 14.02 -13.87 -31.08
C MET D 4 14.74 -12.58 -30.71
N GLN D 5 14.01 -11.50 -30.44
CA GLN D 5 14.68 -10.29 -29.97
C GLN D 5 14.00 -9.50 -28.84
N ILE D 6 14.88 -8.85 -28.06
CA ILE D 6 14.50 -7.94 -27.01
C ILE D 6 15.06 -6.59 -27.42
N LYS D 7 14.18 -5.59 -27.48
CA LYS D 7 14.59 -4.20 -27.67
C LYS D 7 14.83 -3.57 -26.32
N ILE D 8 15.98 -2.90 -26.16
CA ILE D 8 16.37 -2.31 -24.89
C ILE D 8 16.72 -0.82 -25.06
N LYS D 9 16.13 0.01 -24.20
CA LYS D 9 16.33 1.45 -24.15
C LYS D 9 16.99 1.80 -22.83
N TYR D 10 18.02 2.64 -22.86
CA TYR D 10 18.76 3.00 -21.65
C TYR D 10 18.35 4.39 -21.17
N LEU D 11 18.41 4.59 -19.86
CA LEU D 11 18.03 5.87 -19.27
C LEU D 11 18.86 7.00 -19.88
N ASP D 12 20.16 6.75 -20.09
CA ASP D 12 21.08 7.71 -20.67
C ASP D 12 22.39 7.03 -21.13
N GLU D 13 23.30 7.84 -21.69
CA GLU D 13 24.57 7.33 -22.25
C GLU D 13 25.54 6.79 -21.21
N THR D 14 25.35 7.17 -19.95
CA THR D 14 26.24 6.71 -18.88
C THR D 14 25.90 5.32 -18.35
N GLN D 15 24.77 4.74 -18.75
CA GLN D 15 24.47 3.38 -18.36
C GLN D 15 25.34 2.40 -19.15
N THR D 16 25.97 1.45 -18.45
CA THR D 16 26.78 0.45 -19.11
C THR D 16 25.88 -0.57 -19.83
N ARG D 17 26.06 -0.66 -21.15
CA ARG D 17 25.20 -1.52 -21.94
C ARG D 17 25.31 -2.94 -21.49
N ILE D 18 24.16 -3.61 -21.49
CA ILE D 18 24.04 -4.98 -21.04
C ILE D 18 24.49 -5.92 -22.16
N ASN D 19 25.14 -7.01 -21.77
CA ASN D 19 25.63 -8.03 -22.68
C ASN D 19 25.03 -9.38 -22.35
N LYS D 20 24.50 -10.03 -23.38
CA LYS D 20 23.77 -11.29 -23.22
C LYS D 20 24.75 -12.45 -23.31
N MET D 21 24.51 -13.47 -22.50
CA MET D 21 25.37 -14.65 -22.49
C MET D 21 24.93 -15.56 -23.66
N GLU D 22 25.81 -15.78 -24.64
CA GLU D 22 25.47 -16.55 -25.86
C GLU D 22 24.81 -17.90 -25.54
N GLN D 23 25.25 -18.54 -24.46
CA GLN D 23 24.82 -19.89 -24.11
C GLN D 23 23.47 -19.97 -23.35
N GLY D 24 22.76 -18.85 -23.20
CA GLY D 24 21.39 -18.84 -22.68
C GLY D 24 21.29 -18.58 -21.18
N ASP D 25 22.40 -18.20 -20.58
CA ASP D 25 22.47 -17.90 -19.16
C ASP D 25 21.62 -16.67 -18.83
N TRP D 26 21.22 -16.56 -17.57
CA TRP D 26 20.51 -15.35 -17.10
C TRP D 26 21.44 -14.19 -17.28
N ILE D 27 20.87 -13.01 -17.47
CA ILE D 27 21.59 -11.81 -17.84
C ILE D 27 21.56 -10.84 -16.67
N ASP D 28 22.74 -10.35 -16.28
CA ASP D 28 22.90 -9.44 -15.18
C ASP D 28 22.48 -8.00 -15.52
N LEU D 29 21.86 -7.35 -14.55
CA LEU D 29 21.48 -5.95 -14.66
C LEU D 29 22.19 -5.13 -13.60
N ARG D 30 22.37 -3.85 -13.91
CA ARG D 30 23.25 -2.96 -13.17
C ARG D 30 22.52 -1.81 -12.51
N ALA D 31 22.92 -1.48 -11.29
CA ALA D 31 22.44 -0.28 -10.62
C ALA D 31 22.68 0.95 -11.50
N ALA D 32 21.66 1.79 -11.68
CA ALA D 32 21.78 2.97 -12.57
C ALA D 32 22.46 4.17 -11.92
N GLU D 33 22.66 4.10 -10.60
CA GLU D 33 23.21 5.19 -9.81
C GLU D 33 23.66 4.65 -8.46
N ASP D 34 24.49 5.39 -7.74
CA ASP D 34 24.82 5.02 -6.37
C ASP D 34 23.56 5.00 -5.51
N VAL D 35 23.40 3.97 -4.69
CA VAL D 35 22.27 3.90 -3.74
C VAL D 35 22.78 3.51 -2.35
N ALA D 36 22.52 4.36 -1.35
CA ALA D 36 22.87 4.02 0.03
C ALA D 36 21.61 3.56 0.75
N ILE D 37 21.66 2.41 1.41
CA ILE D 37 20.50 1.93 2.16
C ILE D 37 20.92 1.57 3.58
N LYS D 38 20.20 2.12 4.56
CA LYS D 38 20.45 1.80 5.96
C LYS D 38 19.85 0.46 6.32
N LYS D 39 20.42 -0.14 7.36
CA LYS D 39 19.89 -1.37 7.92
C LYS D 39 18.41 -1.23 8.20
N ASP D 40 17.66 -2.25 7.79
CA ASP D 40 16.22 -2.31 7.97
C ASP D 40 15.45 -1.25 7.19
N GLU D 41 16.04 -0.75 6.11
CA GLU D 41 15.34 0.18 5.22
C GLU D 41 15.28 -0.39 3.80
N PHE D 42 14.41 0.22 3.01
CA PHE D 42 14.06 -0.23 1.68
C PHE D 42 14.35 0.83 0.65
N LYS D 43 14.81 0.40 -0.53
CA LYS D 43 14.93 1.26 -1.69
C LYS D 43 14.69 0.51 -2.99
N LEU D 44 13.97 1.16 -3.90
CA LEU D 44 13.81 0.68 -5.26
C LEU D 44 15.02 1.10 -6.06
N VAL D 45 15.93 0.16 -6.34
CA VAL D 45 17.17 0.48 -7.04
C VAL D 45 16.89 0.51 -8.53
N PRO D 46 17.08 1.68 -9.18
CA PRO D 46 16.89 1.74 -10.62
C PRO D 46 17.93 0.94 -11.36
N LEU D 47 17.51 0.25 -12.41
CA LEU D 47 18.40 -0.53 -13.25
C LEU D 47 18.70 0.17 -14.59
N GLY D 48 18.00 1.27 -14.85
CA GLY D 48 18.34 2.15 -15.98
C GLY D 48 18.04 1.59 -17.36
N VAL D 49 17.19 0.56 -17.41
CA VAL D 49 16.80 -0.12 -18.65
C VAL D 49 15.30 -0.24 -18.76
N ALA D 50 14.79 -0.10 -19.98
CA ALA D 50 13.39 -0.41 -20.32
C ALA D 50 13.45 -1.35 -21.53
N MET D 51 12.53 -2.30 -21.65
CA MET D 51 12.65 -3.29 -22.71
C MET D 51 11.30 -3.60 -23.27
N GLU D 52 11.27 -3.91 -24.56
CA GLU D 52 10.13 -4.54 -25.16
C GLU D 52 10.48 -6.01 -25.39
N LEU D 53 9.85 -6.88 -24.62
CA LEU D 53 10.12 -8.29 -24.69
C LEU D 53 9.33 -8.92 -25.84
N PRO D 54 9.73 -10.12 -26.27
CA PRO D 54 9.02 -10.79 -27.36
C PRO D 54 7.56 -11.02 -27.02
N GLU D 55 6.70 -10.95 -28.03
CA GLU D 55 5.27 -11.22 -27.88
C GLU D 55 5.09 -12.57 -27.19
N GLY D 56 4.28 -12.60 -26.13
CA GLY D 56 3.94 -13.83 -25.42
C GLY D 56 4.94 -14.26 -24.35
N TYR D 57 5.89 -13.37 -24.06
CA TYR D 57 6.92 -13.60 -23.05
C TYR D 57 6.82 -12.66 -21.86
N GLU D 58 7.39 -13.12 -20.75
CA GLU D 58 7.58 -12.29 -19.57
C GLU D 58 9.04 -12.43 -19.12
N ALA D 59 9.53 -11.47 -18.34
CA ALA D 59 10.85 -11.58 -17.72
C ALA D 59 10.71 -11.87 -16.24
N HIS D 60 11.66 -12.64 -15.72
CA HIS D 60 11.78 -12.91 -14.30
C HIS D 60 13.07 -12.33 -13.77
N VAL D 61 12.99 -11.59 -12.66
CA VAL D 61 14.16 -10.91 -12.05
C VAL D 61 14.38 -11.42 -10.64
N VAL D 62 15.58 -11.92 -10.38
CA VAL D 62 15.97 -12.41 -9.05
C VAL D 62 17.37 -11.87 -8.70
N PRO D 63 17.74 -11.94 -7.42
CA PRO D 63 19.09 -11.54 -7.05
C PRO D 63 20.13 -12.42 -7.71
N ARG D 64 21.34 -11.90 -7.86
CA ARG D 64 22.45 -12.80 -8.17
C ARG D 64 22.78 -13.58 -6.90
N SER D 65 23.42 -14.72 -7.08
CA SER D 65 23.85 -15.50 -5.92
CA SER D 65 23.87 -15.51 -5.92
C SER D 65 24.71 -14.65 -4.97
N SER D 66 25.49 -13.73 -5.52
CA SER D 66 26.42 -12.93 -4.73
CA SER D 66 26.43 -12.92 -4.74
C SER D 66 25.87 -11.61 -4.25
N THR D 67 24.61 -11.31 -4.54
CA THR D 67 24.00 -10.05 -4.14
C THR D 67 24.02 -9.83 -2.61
N TYR D 68 23.68 -10.86 -1.84
CA TYR D 68 23.67 -10.72 -0.39
C TYR D 68 25.08 -10.53 0.17
N LYS D 69 26.01 -11.41 -0.22
CA LYS D 69 27.40 -11.27 0.23
C LYS D 69 27.97 -9.88 -0.09
N ASN D 70 27.75 -9.43 -1.33
CA ASN D 70 28.35 -8.18 -1.80
C ASN D 70 27.66 -6.97 -1.23
N PHE D 71 26.33 -7.04 -1.07
CA PHE D 71 25.50 -5.84 -0.81
C PHE D 71 24.58 -5.90 0.40
N GLY D 72 24.39 -7.09 0.98
CA GLY D 72 23.58 -7.17 2.19
C GLY D 72 22.12 -6.87 2.01
N VAL D 73 21.61 -7.08 0.78
CA VAL D 73 20.20 -6.86 0.49
C VAL D 73 19.50 -8.12 0.05
N ILE D 74 18.19 -8.16 0.30
CA ILE D 74 17.31 -9.20 -0.21
C ILE D 74 16.30 -8.48 -1.12
N GLN D 75 15.64 -9.26 -1.97
CA GLN D 75 14.66 -8.73 -2.90
C GLN D 75 13.26 -8.94 -2.31
N THR D 76 12.57 -7.85 -2.02
CA THR D 76 11.35 -7.89 -1.21
C THR D 76 10.20 -8.60 -1.87
N ASN D 77 10.11 -8.53 -3.19
CA ASN D 77 9.07 -9.27 -3.93
C ASN D 77 9.48 -10.70 -4.36
N SER D 78 10.61 -11.22 -3.84
CA SER D 78 11.18 -12.54 -4.18
C SER D 78 11.73 -12.62 -5.61
N MET D 79 10.80 -12.53 -6.55
CA MET D 79 11.10 -12.58 -7.98
CA MET D 79 11.11 -12.58 -7.96
C MET D 79 10.18 -11.55 -8.61
N GLY D 80 10.75 -10.66 -9.42
CA GLY D 80 9.99 -9.66 -10.13
C GLY D 80 9.52 -10.22 -11.45
N VAL D 81 8.26 -9.95 -11.78
CA VAL D 81 7.70 -10.40 -13.07
C VAL D 81 7.50 -9.16 -13.95
N ILE D 82 8.08 -9.18 -15.14
CA ILE D 82 7.94 -8.05 -16.08
C ILE D 82 7.15 -8.56 -17.27
N ASP D 83 5.89 -8.17 -17.36
CA ASP D 83 5.04 -8.62 -18.45
C ASP D 83 5.43 -7.96 -19.78
N GLU D 84 5.10 -8.62 -20.87
CA GLU D 84 5.28 -8.07 -22.22
C GLU D 84 4.68 -6.67 -22.34
N SER D 85 3.62 -6.38 -21.61
CA SER D 85 2.98 -5.07 -21.72
C SER D 85 3.77 -3.90 -21.11
N TYR D 86 4.76 -4.19 -20.26
CA TYR D 86 5.58 -3.15 -19.63
C TYR D 86 6.67 -2.85 -20.65
N LYS D 87 6.28 -2.16 -21.73
CA LYS D 87 7.14 -1.93 -22.88
C LYS D 87 7.16 -0.46 -23.32
N GLY D 88 6.70 0.42 -22.46
CA GLY D 88 6.63 1.82 -22.75
C GLY D 88 7.97 2.52 -22.61
N ASP D 89 8.03 3.71 -23.19
CA ASP D 89 9.25 4.51 -23.22
C ASP D 89 9.73 4.94 -21.83
N ASN D 90 8.82 4.96 -20.85
CA ASN D 90 9.21 5.29 -19.47
C ASN D 90 9.05 4.10 -18.52
N ASP D 91 8.95 2.90 -19.07
CA ASP D 91 8.78 1.69 -18.26
C ASP D 91 10.12 1.09 -17.86
N PHE D 92 10.83 1.83 -17.00
CA PHE D 92 12.14 1.41 -16.51
C PHE D 92 12.03 0.36 -15.40
N TRP D 93 13.01 -0.53 -15.38
CA TRP D 93 13.06 -1.62 -14.44
C TRP D 93 13.71 -1.20 -13.14
N PHE D 94 13.25 -1.79 -12.05
N PHE D 94 13.26 -1.84 -12.08
CA PHE D 94 13.89 -1.60 -10.75
CA PHE D 94 13.85 -1.62 -10.76
C PHE D 94 14.15 -2.93 -10.06
C PHE D 94 14.15 -2.95 -10.06
N PHE D 95 15.02 -2.91 -9.07
CA PHE D 95 15.27 -4.00 -8.16
C PHE D 95 14.84 -3.54 -6.74
N PRO D 96 13.78 -4.16 -6.17
CA PRO D 96 13.33 -3.71 -4.85
C PRO D 96 14.15 -4.34 -3.71
N ALA D 97 14.99 -3.52 -3.08
CA ALA D 97 15.99 -4.01 -2.12
C ALA D 97 15.65 -3.64 -0.68
N TYR D 98 15.71 -4.63 0.21
CA TYR D 98 15.64 -4.39 1.66
C TYR D 98 17.03 -4.73 2.22
N ALA D 99 17.63 -3.78 2.92
CA ALA D 99 18.98 -3.94 3.49
C ALA D 99 18.91 -4.57 4.90
N LEU D 100 19.60 -5.68 5.05
CA LEU D 100 19.74 -6.32 6.34
C LEU D 100 20.96 -5.79 7.13
N ARG D 101 21.78 -4.97 6.45
CA ARG D 101 22.84 -4.20 7.10
C ARG D 101 23.02 -2.88 6.34
N ASP D 102 23.67 -1.89 6.95
CA ASP D 102 24.00 -0.65 6.25
C ASP D 102 24.78 -1.05 5.00
N THR D 103 24.44 -0.44 3.87
CA THR D 103 25.06 -0.81 2.60
C THR D 103 25.12 0.35 1.61
N LYS D 104 26.07 0.27 0.71
CA LYS D 104 26.15 1.20 -0.40
C LYS D 104 26.30 0.38 -1.66
N ILE D 105 25.41 0.61 -2.63
CA ILE D 105 25.52 0.01 -3.95
C ILE D 105 26.06 1.08 -4.87
N LYS D 106 26.99 0.72 -5.75
CA LYS D 106 27.60 1.68 -6.65
C LYS D 106 27.02 1.56 -8.03
N LYS D 107 26.92 2.70 -8.72
CA LYS D 107 26.56 2.71 -10.12
C LYS D 107 27.35 1.67 -10.90
N GLY D 108 26.63 0.86 -11.65
CA GLY D 108 27.25 -0.18 -12.47
C GLY D 108 27.27 -1.56 -11.83
N ASP D 109 27.10 -1.63 -10.50
CA ASP D 109 27.15 -2.91 -9.83
C ASP D 109 26.08 -3.83 -10.36
N ARG D 110 26.50 -5.03 -10.73
CA ARG D 110 25.57 -6.06 -11.15
C ARG D 110 24.89 -6.64 -9.92
N ILE D 111 23.63 -6.31 -9.75
CA ILE D 111 22.93 -6.61 -8.51
CA ILE D 111 22.91 -6.58 -8.51
C ILE D 111 21.79 -7.62 -8.67
N CYS D 112 21.36 -7.87 -9.89
CA CYS D 112 20.31 -8.85 -10.13
C CYS D 112 20.47 -9.45 -11.53
N GLN D 113 19.64 -10.43 -11.83
CA GLN D 113 19.72 -11.14 -13.11
C GLN D 113 18.33 -11.47 -13.60
N PHE D 114 18.17 -11.58 -14.91
CA PHE D 114 16.90 -11.92 -15.49
C PHE D 114 16.98 -12.96 -16.61
N ARG D 115 15.84 -13.58 -16.85
CA ARG D 115 15.59 -14.37 -18.05
C ARG D 115 14.19 -14.08 -18.53
N ILE D 116 13.92 -14.48 -19.76
CA ILE D 116 12.56 -14.48 -20.27
C ILE D 116 12.01 -15.91 -20.22
N MET D 117 10.69 -16.01 -20.14
CA MET D 117 9.99 -17.28 -20.20
C MET D 117 8.65 -17.03 -20.87
N LYS D 118 8.15 -18.05 -21.54
CA LYS D 118 6.87 -17.94 -22.18
C LYS D 118 5.82 -17.77 -21.09
N LYS D 119 4.86 -16.91 -21.35
CA LYS D 119 3.73 -16.70 -20.44
C LYS D 119 2.89 -17.94 -20.44
N MET D 120 2.14 -18.14 -19.37
CA MET D 120 1.30 -19.31 -19.28
C MET D 120 0.28 -19.26 -20.42
N PRO D 121 -0.14 -20.44 -20.93
CA PRO D 121 -1.14 -20.45 -22.01
C PRO D 121 -2.49 -19.98 -21.49
N ALA D 122 -3.40 -19.63 -22.39
CA ALA D 122 -4.77 -19.33 -22.04
C ALA D 122 -5.35 -20.51 -21.31
N VAL D 123 -5.98 -20.23 -20.18
CA VAL D 123 -6.57 -21.27 -19.36
C VAL D 123 -8.00 -20.87 -18.93
N ASP D 124 -8.89 -21.86 -18.89
CA ASP D 124 -10.27 -21.65 -18.43
C ASP D 124 -10.35 -21.88 -16.92
N LEU D 125 -10.62 -20.84 -16.16
CA LEU D 125 -10.85 -20.99 -14.71
C LEU D 125 -12.34 -21.28 -14.48
N ILE D 126 -12.64 -22.41 -13.85
CA ILE D 126 -14.01 -22.88 -13.68
C ILE D 126 -14.31 -23.13 -12.20
N GLU D 127 -15.27 -22.40 -11.66
CA GLU D 127 -15.69 -22.60 -10.26
C GLU D 127 -16.44 -23.91 -10.08
N VAL D 128 -16.10 -24.61 -9.00
CA VAL D 128 -16.77 -25.85 -8.63
C VAL D 128 -17.11 -25.78 -7.14
N ASP D 129 -18.13 -26.51 -6.71
CA ASP D 129 -18.52 -26.51 -5.30
C ASP D 129 -17.69 -27.51 -4.50
N ARG D 130 -17.12 -28.50 -5.19
CA ARG D 130 -16.38 -29.57 -4.52
C ARG D 130 -15.23 -30.02 -5.41
N LEU D 131 -14.09 -30.33 -4.78
CA LEU D 131 -13.00 -31.05 -5.42
C LEU D 131 -12.99 -32.45 -4.76
N ALA E 3 13.59 -39.97 -19.23
CA ALA E 3 14.36 -39.85 -20.52
C ALA E 3 15.79 -39.30 -20.28
N MET E 4 15.88 -38.03 -19.88
CA MET E 4 17.18 -37.36 -19.66
C MET E 4 17.87 -37.85 -18.40
N GLN E 5 19.08 -37.35 -18.14
CA GLN E 5 19.81 -37.72 -16.92
C GLN E 5 20.49 -36.55 -16.22
N ILE E 6 20.46 -36.59 -14.88
CA ILE E 6 21.26 -35.71 -14.04
C ILE E 6 22.30 -36.62 -13.38
N LYS E 7 23.59 -36.31 -13.58
CA LYS E 7 24.68 -37.01 -12.91
C LYS E 7 24.93 -36.33 -11.57
N ILE E 8 24.86 -37.10 -10.48
CA ILE E 8 25.02 -36.51 -9.14
C ILE E 8 26.20 -37.17 -8.41
N LYS E 9 27.07 -36.32 -7.86
CA LYS E 9 28.24 -36.72 -7.08
C LYS E 9 28.03 -36.22 -5.64
N TYR E 10 28.36 -37.05 -4.67
CA TYR E 10 28.21 -36.65 -3.27
C TYR E 10 29.55 -36.34 -2.63
N LEU E 11 29.51 -35.47 -1.63
CA LEU E 11 30.69 -35.03 -0.92
C LEU E 11 31.43 -36.20 -0.31
N ASP E 12 30.68 -37.17 0.22
CA ASP E 12 31.27 -38.38 0.83
C ASP E 12 30.13 -39.37 1.09
N GLU E 13 30.48 -40.54 1.63
CA GLU E 13 29.52 -41.63 1.84
C GLU E 13 28.46 -41.35 2.92
N THR E 14 28.70 -40.36 3.77
CA THR E 14 27.78 -40.07 4.87
C THR E 14 26.60 -39.21 4.40
N GLN E 15 26.67 -38.67 3.19
CA GLN E 15 25.54 -37.93 2.64
C GLN E 15 24.42 -38.91 2.30
N THR E 16 23.22 -38.64 2.79
CA THR E 16 22.06 -39.45 2.43
C THR E 16 21.68 -39.18 0.97
N ARG E 17 21.73 -40.23 0.16
CA ARG E 17 21.45 -40.14 -1.27
C ARG E 17 20.05 -39.63 -1.54
N ILE E 18 19.97 -38.79 -2.54
CA ILE E 18 18.74 -38.10 -2.91
C ILE E 18 17.87 -39.04 -3.73
N ASN E 19 16.56 -38.97 -3.47
CA ASN E 19 15.54 -39.76 -4.18
C ASN E 19 14.53 -38.83 -4.86
N LYS E 20 14.22 -39.12 -6.12
CA LYS E 20 13.26 -38.27 -6.83
C LYS E 20 11.91 -38.94 -7.01
N MET E 21 10.86 -38.13 -7.05
CA MET E 21 9.51 -38.63 -7.33
C MET E 21 9.34 -38.75 -8.85
N GLU E 22 9.14 -39.97 -9.36
CA GLU E 22 8.90 -40.18 -10.81
C GLU E 22 7.83 -39.23 -11.40
N GLN E 23 6.96 -38.69 -10.55
CA GLN E 23 5.87 -37.81 -10.99
C GLN E 23 6.27 -36.37 -11.39
N GLY E 24 7.54 -35.98 -11.27
CA GLY E 24 7.99 -34.62 -11.70
C GLY E 24 8.03 -33.52 -10.62
N ASP E 25 7.74 -33.89 -9.39
CA ASP E 25 7.73 -33.04 -8.24
C ASP E 25 9.12 -32.54 -8.01
N TRP E 26 9.20 -31.37 -7.39
CA TRP E 26 10.50 -30.87 -6.99
C TRP E 26 11.15 -31.84 -6.02
N ILE E 27 12.48 -31.80 -6.03
CA ILE E 27 13.33 -32.77 -5.33
C ILE E 27 14.01 -32.13 -4.13
N ASP E 28 13.83 -32.73 -2.96
CA ASP E 28 14.42 -32.19 -1.73
C ASP E 28 15.91 -32.46 -1.61
N LEU E 29 16.64 -31.46 -1.11
CA LEU E 29 18.05 -31.56 -0.81
C LEU E 29 18.27 -31.39 0.68
N ARG E 30 19.38 -31.98 1.15
CA ARG E 30 19.64 -32.15 2.56
C ARG E 30 20.90 -31.41 3.02
N ALA E 31 20.84 -30.85 4.22
CA ALA E 31 22.01 -30.25 4.84
C ALA E 31 23.10 -31.33 4.99
N ALA E 32 24.34 -30.97 4.66
CA ALA E 32 25.47 -31.91 4.64
C ALA E 32 26.12 -32.11 6.01
N GLU E 33 25.84 -31.18 6.91
CA GLU E 33 26.38 -31.17 8.27
C GLU E 33 25.42 -30.38 9.17
N ASP E 34 25.59 -30.53 10.49
CA ASP E 34 24.94 -29.65 11.45
C ASP E 34 25.41 -28.19 11.25
N VAL E 35 24.45 -27.27 11.29
CA VAL E 35 24.74 -25.85 11.14
C VAL E 35 23.93 -25.09 12.17
N ALA E 36 24.63 -24.35 13.02
CA ALA E 36 24.02 -23.45 13.99
C ALA E 36 24.11 -22.03 13.44
N ILE E 37 22.99 -21.31 13.40
CA ILE E 37 22.96 -19.91 12.91
C ILE E 37 22.25 -19.03 13.92
N LYS E 38 22.89 -17.94 14.30
CA LYS E 38 22.31 -16.99 15.23
C LYS E 38 21.37 -16.04 14.51
N LYS E 39 20.41 -15.50 15.26
CA LYS E 39 19.50 -14.46 14.78
C LYS E 39 20.28 -13.38 14.03
N ASP E 40 19.78 -13.04 12.85
CA ASP E 40 20.33 -11.96 12.01
C ASP E 40 21.72 -12.27 11.50
N GLU E 41 22.06 -13.56 11.38
CA GLU E 41 23.28 -13.97 10.76
C GLU E 41 23.02 -14.90 9.57
N PHE E 42 24.06 -15.02 8.78
CA PHE E 42 24.02 -15.70 7.49
C PHE E 42 24.97 -16.89 7.47
N LYS E 43 24.56 -17.95 6.77
CA LYS E 43 25.40 -19.12 6.51
C LYS E 43 25.03 -19.74 5.18
N LEU E 44 26.05 -20.03 4.38
CA LEU E 44 25.90 -20.91 3.23
C LEU E 44 25.86 -22.34 3.71
N VAL E 45 24.68 -22.94 3.73
CA VAL E 45 24.53 -24.30 4.21
C VAL E 45 24.90 -25.29 3.11
N PRO E 46 25.96 -26.10 3.33
CA PRO E 46 26.31 -27.04 2.27
C PRO E 46 25.27 -28.11 2.13
N LEU E 47 25.00 -28.48 0.89
CA LEU E 47 24.04 -29.57 0.58
C LEU E 47 24.72 -30.90 0.23
N GLY E 48 26.05 -30.89 0.10
CA GLY E 48 26.83 -32.14 -0.11
C GLY E 48 26.66 -32.82 -1.47
N VAL E 49 26.14 -32.06 -2.45
CA VAL E 49 25.90 -32.58 -3.80
C VAL E 49 26.52 -31.63 -4.85
N ALA E 50 27.01 -32.26 -5.91
CA ALA E 50 27.41 -31.57 -7.14
C ALA E 50 26.73 -32.30 -8.28
N MET E 51 26.35 -31.59 -9.32
CA MET E 51 25.54 -32.17 -10.37
C MET E 51 25.98 -31.72 -11.74
N GLU E 52 25.92 -32.63 -12.70
CA GLU E 52 26.00 -32.28 -14.11
C GLU E 52 24.60 -32.37 -14.67
N LEU E 53 24.04 -31.21 -14.93
CA LEU E 53 22.70 -31.11 -15.45
C LEU E 53 22.69 -31.43 -16.94
N PRO E 54 21.53 -31.84 -17.48
CA PRO E 54 21.43 -32.08 -18.91
C PRO E 54 21.76 -30.82 -19.67
N GLU E 55 22.31 -30.99 -20.87
CA GLU E 55 22.68 -29.89 -21.71
C GLU E 55 21.47 -29.01 -22.05
N GLY E 56 21.65 -27.70 -21.93
CA GLY E 56 20.60 -26.71 -22.23
C GLY E 56 19.62 -26.47 -21.08
N TYR E 57 19.92 -27.02 -19.90
CA TYR E 57 19.08 -26.87 -18.71
C TYR E 57 19.78 -26.12 -17.58
N GLU E 58 18.94 -25.60 -16.68
CA GLU E 58 19.40 -24.99 -15.45
C GLU E 58 18.62 -25.58 -14.29
N ALA E 59 19.10 -25.39 -13.07
CA ALA E 59 18.33 -25.84 -11.91
C ALA E 59 17.85 -24.64 -11.12
N HIS E 60 16.65 -24.74 -10.55
CA HIS E 60 16.10 -23.68 -9.68
C HIS E 60 15.98 -24.26 -8.29
N VAL E 61 16.41 -23.51 -7.29
CA VAL E 61 16.40 -23.94 -5.88
C VAL E 61 15.63 -22.92 -5.04
N VAL E 62 14.64 -23.40 -4.30
CA VAL E 62 13.91 -22.57 -3.36
C VAL E 62 13.76 -23.28 -2.01
N PRO E 63 13.39 -22.55 -0.95
CA PRO E 63 13.08 -23.23 0.31
C PRO E 63 11.94 -24.22 0.16
N ARG E 64 11.86 -25.25 0.99
CA ARG E 64 10.63 -26.01 1.13
C ARG E 64 9.62 -25.12 1.85
N SER E 65 8.34 -25.42 1.68
CA SER E 65 7.30 -24.67 2.36
CA SER E 65 7.27 -24.70 2.36
CA SER E 65 7.27 -24.70 2.37
C SER E 65 7.49 -24.70 3.88
N SER E 66 8.00 -25.81 4.41
CA SER E 66 8.21 -26.00 5.84
CA SER E 66 8.19 -25.94 5.85
C SER E 66 9.52 -25.45 6.39
N THR E 67 10.41 -24.95 5.53
CA THR E 67 11.75 -24.52 5.97
C THR E 67 11.68 -23.42 7.02
N TYR E 68 10.84 -22.43 6.80
CA TYR E 68 10.73 -21.34 7.78
C TYR E 68 10.18 -21.84 9.12
N LYS E 69 9.04 -22.55 9.09
CA LYS E 69 8.46 -23.08 10.33
C LYS E 69 9.46 -23.95 11.08
N ASN E 70 10.18 -24.81 10.36
CA ASN E 70 11.07 -25.77 11.03
C ASN E 70 12.38 -25.10 11.49
N PHE E 71 12.88 -24.13 10.72
CA PHE E 71 14.25 -23.62 10.93
C PHE E 71 14.43 -22.12 11.04
N GLY E 72 13.39 -21.34 10.74
CA GLY E 72 13.46 -19.90 10.94
C GLY E 72 14.43 -19.20 10.01
N VAL E 73 14.66 -19.76 8.83
CA VAL E 73 15.57 -19.16 7.87
C VAL E 73 14.86 -18.79 6.58
N ILE E 74 15.35 -17.75 5.92
CA ILE E 74 14.92 -17.39 4.56
C ILE E 74 16.10 -17.61 3.63
N GLN E 75 15.84 -17.68 2.33
CA GLN E 75 16.88 -17.85 1.31
C GLN E 75 17.21 -16.47 0.74
N THR E 76 18.44 -16.02 0.94
CA THR E 76 18.79 -14.65 0.67
C THR E 76 18.73 -14.29 -0.81
N ASN E 77 19.01 -15.25 -1.68
CA ASN E 77 18.97 -15.03 -3.12
C ASN E 77 17.59 -15.38 -3.74
N SER E 78 16.59 -15.62 -2.87
CA SER E 78 15.20 -15.89 -3.25
C SER E 78 15.06 -17.24 -3.93
N MET E 79 15.55 -17.31 -5.16
CA MET E 79 15.62 -18.55 -5.90
C MET E 79 17.02 -18.66 -6.48
N GLY E 80 17.70 -19.75 -6.16
CA GLY E 80 19.02 -20.06 -6.73
C GLY E 80 18.86 -20.56 -8.15
N VAL E 81 19.76 -20.13 -9.04
CA VAL E 81 19.76 -20.55 -10.43
C VAL E 81 21.13 -21.11 -10.67
N ILE E 82 21.19 -22.42 -10.89
CA ILE E 82 22.43 -23.11 -11.15
C ILE E 82 22.50 -23.53 -12.60
N ASP E 83 23.44 -22.91 -13.31
CA ASP E 83 23.58 -23.17 -14.73
C ASP E 83 24.23 -24.51 -15.02
N GLU E 84 23.95 -25.03 -16.21
CA GLU E 84 24.57 -26.27 -16.71
C GLU E 84 26.09 -26.26 -16.63
N SER E 85 26.70 -25.08 -16.75
CA SER E 85 28.15 -24.95 -16.65
C SER E 85 28.74 -25.29 -15.29
N TYR E 86 27.94 -25.23 -14.23
CA TYR E 86 28.37 -25.53 -12.87
C TYR E 86 28.33 -27.02 -12.64
N LYS E 87 29.27 -27.72 -13.29
CA LYS E 87 29.26 -29.19 -13.38
C LYS E 87 30.61 -29.78 -13.05
N GLY E 88 31.49 -28.98 -12.45
CA GLY E 88 32.81 -29.43 -12.06
C GLY E 88 32.78 -30.33 -10.84
N ASP E 89 33.85 -31.08 -10.66
CA ASP E 89 34.00 -32.00 -9.53
C ASP E 89 33.99 -31.32 -8.17
N ASN E 90 34.33 -30.03 -8.10
CA ASN E 90 34.26 -29.29 -6.82
C ASN E 90 33.13 -28.24 -6.78
N ASP E 91 32.18 -28.36 -7.70
CA ASP E 91 31.06 -27.43 -7.80
C ASP E 91 29.87 -27.92 -6.99
N PHE E 92 30.04 -27.83 -5.67
CA PHE E 92 29.02 -28.28 -4.73
C PHE E 92 27.95 -27.18 -4.50
N TRP E 93 26.76 -27.65 -4.15
CA TRP E 93 25.62 -26.79 -3.98
C TRP E 93 25.47 -26.37 -2.55
N PHE E 94 25.00 -25.14 -2.37
CA PHE E 94 24.74 -24.53 -1.08
C PHE E 94 23.39 -23.84 -1.04
N PHE E 95 22.80 -23.83 0.14
CA PHE E 95 21.59 -23.07 0.43
C PHE E 95 21.95 -21.82 1.23
N PRO E 96 21.74 -20.64 0.65
CA PRO E 96 22.15 -19.42 1.34
C PRO E 96 21.09 -18.97 2.33
N ALA E 97 21.35 -19.19 3.62
CA ALA E 97 20.37 -19.07 4.70
C ALA E 97 20.64 -17.83 5.57
N TYR E 98 19.60 -17.04 5.81
CA TYR E 98 19.61 -15.95 6.80
C TYR E 98 18.59 -16.31 7.87
N ALA E 99 19.05 -16.34 9.12
CA ALA E 99 18.24 -16.74 10.25
C ALA E 99 17.52 -15.53 10.85
N LEU E 100 16.21 -15.65 10.96
CA LEU E 100 15.42 -14.62 11.61
C LEU E 100 15.23 -14.91 13.10
N ARG E 101 15.75 -16.04 13.55
CA ARG E 101 15.83 -16.39 14.97
C ARG E 101 17.01 -17.33 15.13
N ASP E 102 17.54 -17.48 16.36
CA ASP E 102 18.54 -18.51 16.60
C ASP E 102 17.97 -19.83 16.13
N THR E 103 18.82 -20.62 15.47
CA THR E 103 18.36 -21.88 14.92
C THR E 103 19.50 -22.88 14.78
N LYS E 104 19.15 -24.16 14.72
CA LYS E 104 20.10 -25.23 14.42
C LYS E 104 19.47 -26.11 13.34
N ILE E 105 20.24 -26.35 12.29
CA ILE E 105 19.84 -27.26 11.23
C ILE E 105 20.69 -28.51 11.44
N LYS E 106 20.07 -29.67 11.35
CA LYS E 106 20.78 -30.93 11.54
C LYS E 106 21.19 -31.58 10.21
N LYS E 107 22.34 -32.26 10.23
CA LYS E 107 22.79 -32.99 9.06
CA LYS E 107 22.79 -33.00 9.05
C LYS E 107 21.64 -33.90 8.59
N GLY E 108 21.35 -33.87 7.29
CA GLY E 108 20.27 -34.64 6.72
C GLY E 108 18.93 -33.95 6.59
N ASP E 109 18.74 -32.83 7.29
CA ASP E 109 17.45 -32.13 7.24
C ASP E 109 17.19 -31.68 5.81
N ARG E 110 15.99 -31.97 5.33
CA ARG E 110 15.58 -31.50 4.01
C ARG E 110 15.18 -30.03 4.11
N ILE E 111 16.06 -29.16 3.63
CA ILE E 111 15.91 -27.71 3.83
C ILE E 111 15.54 -26.90 2.60
N CYS E 112 15.70 -27.49 1.42
CA CYS E 112 15.33 -26.82 0.18
C CYS E 112 14.97 -27.83 -0.90
N GLN E 113 14.55 -27.33 -2.04
CA GLN E 113 14.06 -28.19 -3.11
C GLN E 113 14.47 -27.62 -4.45
N PHE E 114 14.65 -28.48 -5.44
CA PHE E 114 15.05 -28.04 -6.77
C PHE E 114 14.27 -28.72 -7.87
N ARG E 115 14.24 -28.06 -9.03
CA ARG E 115 13.85 -28.66 -10.28
C ARG E 115 14.81 -28.19 -11.37
N ILE E 116 14.74 -28.85 -12.50
CA ILE E 116 15.37 -28.35 -13.70
C ILE E 116 14.35 -27.67 -14.60
N MET E 117 14.85 -26.73 -15.40
CA MET E 117 14.06 -26.07 -16.40
C MET E 117 14.92 -25.77 -17.61
N LYS E 118 14.34 -25.91 -18.80
CA LYS E 118 15.08 -25.53 -20.02
C LYS E 118 15.53 -24.06 -19.91
N LYS E 119 16.75 -23.78 -20.35
CA LYS E 119 17.24 -22.40 -20.42
C LYS E 119 16.48 -21.59 -21.45
N MET E 120 16.53 -20.29 -21.30
CA MET E 120 15.74 -19.40 -22.11
C MET E 120 16.18 -19.56 -23.56
N PRO E 121 15.27 -19.27 -24.51
CA PRO E 121 15.56 -19.51 -25.91
C PRO E 121 16.53 -18.50 -26.48
N ALA E 122 17.00 -18.78 -27.69
CA ALA E 122 17.88 -17.87 -28.43
C ALA E 122 17.20 -16.52 -28.53
N VAL E 123 17.94 -15.47 -28.19
CA VAL E 123 17.38 -14.12 -28.24
C VAL E 123 18.53 -13.12 -28.52
N ASP E 124 18.23 -12.05 -29.24
CA ASP E 124 19.19 -10.98 -29.48
C ASP E 124 18.75 -9.72 -28.75
N LEU E 125 19.71 -9.05 -28.11
CA LEU E 125 19.47 -7.77 -27.47
C LEU E 125 19.81 -6.67 -28.46
N ILE E 126 18.84 -5.81 -28.75
CA ILE E 126 19.02 -4.73 -29.72
C ILE E 126 18.73 -3.41 -29.04
N GLU E 127 19.70 -2.49 -29.02
CA GLU E 127 19.47 -1.19 -28.41
C GLU E 127 18.61 -0.34 -29.32
N VAL E 128 17.63 0.37 -28.75
CA VAL E 128 16.83 1.32 -29.50
C VAL E 128 16.82 2.64 -28.72
N ASP E 129 16.56 3.75 -29.43
CA ASP E 129 16.52 5.07 -28.80
C ASP E 129 15.19 5.34 -28.10
N ARG E 130 14.14 4.67 -28.56
CA ARG E 130 12.80 4.95 -28.10
C ARG E 130 11.99 3.66 -28.13
N LEU E 131 11.12 3.47 -27.14
CA LEU E 131 10.14 2.38 -27.15
C LEU E 131 8.72 2.89 -27.45
N MET F 4 -7.22 -26.04 -22.02
CA MET F 4 -6.73 -26.32 -20.64
C MET F 4 -7.53 -25.54 -19.61
N GLN F 5 -7.89 -26.20 -18.50
CA GLN F 5 -8.68 -25.55 -17.46
C GLN F 5 -8.19 -25.81 -16.04
N ILE F 6 -8.61 -24.92 -15.16
CA ILE F 6 -8.35 -25.04 -13.72
C ILE F 6 -9.71 -25.04 -13.04
N LYS F 7 -9.93 -26.02 -12.18
CA LYS F 7 -11.12 -26.07 -11.36
C LYS F 7 -10.80 -25.41 -10.02
N ILE F 8 -11.59 -24.40 -9.66
CA ILE F 8 -11.35 -23.63 -8.45
C ILE F 8 -12.55 -23.70 -7.50
N LYS F 9 -12.25 -24.00 -6.24
CA LYS F 9 -13.21 -24.00 -5.16
C LYS F 9 -12.88 -22.91 -4.14
N TYR F 10 -13.87 -22.10 -3.80
CA TYR F 10 -13.69 -21.01 -2.85
C TYR F 10 -14.06 -21.43 -1.43
N LEU F 11 -13.37 -20.85 -0.46
CA LEU F 11 -13.59 -21.19 0.95
C LEU F 11 -15.05 -20.92 1.36
N ASP F 12 -15.65 -19.88 0.79
CA ASP F 12 -17.02 -19.50 1.08
C ASP F 12 -17.51 -18.46 0.08
N GLU F 13 -18.80 -18.12 0.21
CA GLU F 13 -19.45 -17.27 -0.78
CA GLU F 13 -19.55 -17.20 -0.66
C GLU F 13 -18.94 -15.81 -0.74
N THR F 14 -18.27 -15.42 0.34
CA THR F 14 -17.76 -14.04 0.47
C THR F 14 -16.40 -13.81 -0.19
N GLN F 15 -15.70 -14.88 -0.55
CA GLN F 15 -14.40 -14.74 -1.22
C GLN F 15 -14.64 -14.13 -2.60
N THR F 16 -13.81 -13.17 -3.00
CA THR F 16 -13.99 -12.53 -4.31
C THR F 16 -13.50 -13.48 -5.42
N ARG F 17 -14.36 -13.78 -6.39
CA ARG F 17 -13.99 -14.65 -7.52
C ARG F 17 -12.90 -13.97 -8.36
N ILE F 18 -11.87 -14.72 -8.73
CA ILE F 18 -10.62 -14.15 -9.26
C ILE F 18 -10.67 -13.98 -10.77
N ASN F 19 -9.75 -13.15 -11.28
CA ASN F 19 -9.74 -12.85 -12.70
C ASN F 19 -9.72 -14.09 -13.56
N LYS F 20 -10.30 -13.97 -14.74
CA LYS F 20 -10.15 -15.00 -15.74
C LYS F 20 -8.69 -15.05 -16.22
N MET F 21 -8.40 -16.08 -17.01
CA MET F 21 -7.03 -16.40 -17.37
C MET F 21 -6.94 -16.61 -18.89
N GLU F 22 -7.51 -15.68 -19.66
CA GLU F 22 -7.48 -15.81 -21.11
C GLU F 22 -6.21 -15.22 -21.74
N GLN F 23 -5.48 -14.39 -20.98
CA GLN F 23 -4.42 -13.56 -21.58
C GLN F 23 -3.00 -13.96 -21.15
N GLY F 24 -2.88 -14.95 -20.27
CA GLY F 24 -1.55 -15.43 -19.84
C GLY F 24 -0.88 -14.63 -18.72
N ASP F 25 -1.56 -13.62 -18.19
CA ASP F 25 -1.02 -12.81 -17.10
C ASP F 25 -1.01 -13.61 -15.79
N TRP F 26 -0.10 -13.29 -14.87
CA TRP F 26 -0.23 -13.84 -13.54
C TRP F 26 -1.53 -13.37 -12.92
N ILE F 27 -2.03 -14.15 -11.98
CA ILE F 27 -3.34 -13.94 -11.39
C ILE F 27 -3.24 -13.61 -9.89
N ASP F 28 -3.90 -12.51 -9.50
CA ASP F 28 -3.85 -12.01 -8.13
C ASP F 28 -4.75 -12.78 -7.19
N LEU F 29 -4.19 -13.17 -6.05
CA LEU F 29 -4.91 -13.88 -5.01
C LEU F 29 -5.05 -12.99 -3.80
N ARG F 30 -6.09 -13.23 -3.02
CA ARG F 30 -6.50 -12.29 -1.97
C ARG F 30 -6.73 -12.93 -0.60
N ALA F 31 -6.50 -12.12 0.44
CA ALA F 31 -6.65 -12.53 1.83
C ALA F 31 -8.11 -12.96 2.08
N ALA F 32 -8.28 -14.14 2.69
CA ALA F 32 -9.60 -14.70 2.93
C ALA F 32 -10.27 -14.10 4.16
N GLU F 33 -9.46 -13.47 5.02
CA GLU F 33 -9.90 -12.89 6.28
CA GLU F 33 -9.94 -12.84 6.26
C GLU F 33 -8.90 -11.81 6.68
N ASP F 34 -9.26 -10.97 7.64
CA ASP F 34 -8.31 -10.04 8.24
C ASP F 34 -7.16 -10.81 8.92
N VAL F 35 -5.94 -10.32 8.72
CA VAL F 35 -4.76 -10.86 9.37
C VAL F 35 -3.93 -9.67 9.87
N ALA F 36 -3.69 -9.62 11.18
CA ALA F 36 -2.76 -8.64 11.75
C ALA F 36 -1.46 -9.38 12.06
N ILE F 37 -0.33 -8.79 11.68
CA ILE F 37 0.96 -9.40 11.96
C ILE F 37 1.92 -8.39 12.56
N LYS F 38 2.50 -8.73 13.70
CA LYS F 38 3.44 -7.85 14.36
C LYS F 38 4.82 -7.89 13.70
N LYS F 39 5.53 -6.79 13.80
CA LYS F 39 6.94 -6.75 13.41
C LYS F 39 7.67 -7.98 13.89
N ASP F 40 8.38 -8.61 12.96
CA ASP F 40 9.23 -9.77 13.21
C ASP F 40 8.44 -11.01 13.59
N GLU F 41 7.19 -11.08 13.14
CA GLU F 41 6.40 -12.27 13.35
C GLU F 41 5.88 -12.78 12.01
N PHE F 42 5.37 -14.01 12.05
CA PHE F 42 5.02 -14.78 10.88
C PHE F 42 3.55 -15.14 10.91
N LYS F 43 2.87 -15.16 9.76
CA LYS F 43 1.53 -15.73 9.68
C LYS F 43 1.28 -16.29 8.30
N LEU F 44 0.62 -17.45 8.26
CA LEU F 44 0.07 -18.02 7.05
C LEU F 44 -1.22 -17.27 6.73
N VAL F 45 -1.18 -16.47 5.67
CA VAL F 45 -2.34 -15.74 5.21
C VAL F 45 -3.19 -16.66 4.30
N PRO F 46 -4.42 -17.01 4.75
CA PRO F 46 -5.30 -17.81 3.90
C PRO F 46 -5.73 -17.03 2.69
N LEU F 47 -5.69 -17.69 1.55
CA LEU F 47 -6.08 -17.09 0.28
C LEU F 47 -7.50 -17.49 -0.17
N GLY F 48 -8.13 -18.42 0.54
CA GLY F 48 -9.55 -18.74 0.32
C GLY F 48 -9.87 -19.51 -0.95
N VAL F 49 -8.85 -20.15 -1.53
CA VAL F 49 -8.99 -20.89 -2.77
C VAL F 49 -8.29 -22.25 -2.66
N ALA F 50 -8.93 -23.25 -3.29
CA ALA F 50 -8.34 -24.57 -3.57
C ALA F 50 -8.53 -24.82 -5.06
N MET F 51 -7.56 -25.50 -5.69
CA MET F 51 -7.58 -25.65 -7.13
C MET F 51 -7.13 -27.05 -7.53
N GLU F 52 -7.71 -27.52 -8.63
CA GLU F 52 -7.18 -28.72 -9.30
C GLU F 52 -6.52 -28.22 -10.57
N LEU F 53 -5.20 -28.22 -10.57
CA LEU F 53 -4.44 -27.73 -11.71
C LEU F 53 -4.39 -28.77 -12.82
N PRO F 54 -4.09 -28.36 -14.07
CA PRO F 54 -4.00 -29.34 -15.15
C PRO F 54 -2.96 -30.41 -14.88
N GLU F 55 -3.23 -31.59 -15.40
CA GLU F 55 -2.30 -32.69 -15.31
C GLU F 55 -0.91 -32.27 -15.78
N GLY F 56 0.11 -32.58 -15.00
CA GLY F 56 1.49 -32.32 -15.41
C GLY F 56 1.94 -30.88 -15.19
N TYR F 57 1.11 -30.09 -14.48
CA TYR F 57 1.41 -28.70 -14.13
C TYR F 57 1.56 -28.46 -12.62
N GLU F 58 2.21 -27.33 -12.32
CA GLU F 58 2.38 -26.84 -10.95
C GLU F 58 2.11 -25.34 -10.97
N ALA F 59 1.83 -24.78 -9.81
CA ALA F 59 1.58 -23.36 -9.66
C ALA F 59 2.74 -22.78 -8.90
N HIS F 60 3.09 -21.55 -9.24
CA HIS F 60 4.12 -20.76 -8.56
C HIS F 60 3.49 -19.52 -7.99
N VAL F 61 3.73 -19.26 -6.71
CA VAL F 61 3.17 -18.10 -5.99
C VAL F 61 4.29 -17.19 -5.50
N VAL F 62 4.20 -15.91 -5.85
CA VAL F 62 5.10 -14.86 -5.34
C VAL F 62 4.32 -13.61 -4.91
N PRO F 63 4.94 -12.73 -4.12
CA PRO F 63 4.25 -11.49 -3.80
C PRO F 63 3.95 -10.67 -5.05
N ARG F 64 3.00 -9.74 -4.94
CA ARG F 64 2.84 -8.76 -5.99
C ARG F 64 3.98 -7.75 -5.83
N SER F 65 4.21 -6.96 -6.87
CA SER F 65 5.23 -5.92 -6.86
CA SER F 65 5.25 -5.95 -6.83
C SER F 65 5.02 -4.95 -5.70
N SER F 66 3.77 -4.58 -5.47
CA SER F 66 3.45 -3.55 -4.46
C SER F 66 3.20 -4.09 -3.05
N THR F 67 3.31 -5.40 -2.87
CA THR F 67 3.00 -6.02 -1.58
C THR F 67 3.87 -5.48 -0.46
N TYR F 68 5.18 -5.41 -0.68
CA TYR F 68 6.07 -4.90 0.38
C TYR F 68 5.77 -3.44 0.72
N LYS F 69 5.65 -2.58 -0.29
CA LYS F 69 5.37 -1.15 -0.08
CA LYS F 69 5.40 -1.16 -0.06
C LYS F 69 4.11 -0.98 0.75
N ASN F 70 3.06 -1.71 0.39
CA ASN F 70 1.78 -1.48 1.04
C ASN F 70 1.58 -2.24 2.35
N PHE F 71 2.23 -3.39 2.51
CA PHE F 71 2.03 -4.25 3.70
C PHE F 71 3.24 -4.58 4.55
N GLY F 72 4.44 -4.30 4.04
CA GLY F 72 5.66 -4.54 4.81
C GLY F 72 5.94 -6.00 5.12
N VAL F 73 5.47 -6.91 4.27
CA VAL F 73 5.73 -8.33 4.43
C VAL F 73 6.54 -8.88 3.26
N ILE F 74 7.33 -9.90 3.57
CA ILE F 74 8.02 -10.72 2.58
C ILE F 74 7.45 -12.15 2.66
N GLN F 75 7.72 -12.93 1.63
CA GLN F 75 7.25 -14.31 1.54
C GLN F 75 8.37 -15.23 1.99
N THR F 76 8.16 -15.93 3.10
CA THR F 76 9.23 -16.66 3.76
C THR F 76 9.84 -17.78 2.92
N ASN F 77 9.00 -18.43 2.09
CA ASN F 77 9.47 -19.49 1.20
C ASN F 77 9.91 -19.01 -0.20
N SER F 78 10.05 -17.68 -0.36
CA SER F 78 10.40 -16.98 -1.61
C SER F 78 9.31 -17.11 -2.67
N MET F 79 9.19 -18.33 -3.19
CA MET F 79 8.19 -18.69 -4.18
CA MET F 79 8.18 -18.69 -4.15
C MET F 79 7.57 -20.00 -3.71
N GLY F 80 6.25 -20.03 -3.62
CA GLY F 80 5.56 -21.25 -3.22
C GLY F 80 5.30 -22.08 -4.45
N VAL F 81 5.48 -23.38 -4.32
CA VAL F 81 5.20 -24.30 -5.42
C VAL F 81 4.06 -25.18 -4.97
N ILE F 82 2.99 -25.16 -5.75
CA ILE F 82 1.83 -25.98 -5.49
C ILE F 82 1.72 -27.02 -6.59
N ASP F 83 1.95 -28.26 -6.19
CA ASP F 83 1.93 -29.37 -7.13
C ASP F 83 0.51 -29.73 -7.54
N GLU F 84 0.41 -30.35 -8.72
CA GLU F 84 -0.85 -30.92 -9.23
C GLU F 84 -1.59 -31.78 -8.21
N SER F 85 -0.84 -32.46 -7.35
CA SER F 85 -1.41 -33.36 -6.36
C SER F 85 -2.16 -32.65 -5.24
N TYR F 86 -1.94 -31.35 -5.07
CA TYR F 86 -2.60 -30.56 -4.01
C TYR F 86 -3.94 -30.10 -4.56
N LYS F 87 -4.85 -31.06 -4.73
CA LYS F 87 -6.10 -30.85 -5.45
C LYS F 87 -7.33 -31.28 -4.67
N GLY F 88 -7.14 -31.53 -3.37
CA GLY F 88 -8.20 -31.99 -2.49
C GLY F 88 -9.20 -30.92 -2.08
N ASP F 89 -10.36 -31.40 -1.63
CA ASP F 89 -11.46 -30.56 -1.21
C ASP F 89 -11.10 -29.59 -0.06
N ASN F 90 -10.10 -29.96 0.76
CA ASN F 90 -9.63 -29.09 1.86
CA ASN F 90 -9.63 -29.09 1.85
C ASN F 90 -8.20 -28.59 1.63
N ASP F 91 -7.74 -28.61 0.37
CA ASP F 91 -6.35 -28.17 0.05
C ASP F 91 -6.31 -26.70 -0.33
N PHE F 92 -6.60 -25.87 0.66
CA PHE F 92 -6.59 -24.43 0.46
C PHE F 92 -5.19 -23.83 0.44
N TRP F 93 -5.06 -22.74 -0.32
CA TRP F 93 -3.77 -22.06 -0.48
C TRP F 93 -3.55 -20.99 0.56
N PHE F 94 -2.28 -20.84 0.94
N PHE F 94 -2.29 -20.83 0.95
CA PHE F 94 -1.87 -19.76 1.83
CA PHE F 94 -1.88 -19.75 1.84
C PHE F 94 -0.71 -18.97 1.24
C PHE F 94 -0.69 -18.99 1.28
N PHE F 95 -0.47 -17.78 1.79
CA PHE F 95 0.68 -16.94 1.51
C PHE F 95 1.45 -16.82 2.82
N PRO F 96 2.68 -17.37 2.87
CA PRO F 96 3.42 -17.33 4.11
C PRO F 96 4.17 -16.02 4.28
N ALA F 97 3.68 -15.20 5.20
CA ALA F 97 4.09 -13.80 5.36
C ALA F 97 4.92 -13.57 6.62
N TYR F 98 6.07 -12.93 6.46
CA TYR F 98 6.87 -12.43 7.60
C TYR F 98 6.85 -10.91 7.54
N ALA F 99 6.47 -10.29 8.65
CA ALA F 99 6.30 -8.86 8.71
C ALA F 99 7.58 -8.17 9.17
N LEU F 100 8.07 -7.24 8.35
CA LEU F 100 9.22 -6.43 8.69
C LEU F 100 8.80 -5.20 9.49
N ARG F 101 7.50 -4.96 9.59
CA ARG F 101 6.91 -3.94 10.47
C ARG F 101 5.51 -4.38 10.83
N ASP F 102 4.97 -3.84 11.92
CA ASP F 102 3.57 -4.08 12.26
C ASP F 102 2.72 -3.83 11.04
N THR F 103 1.80 -4.75 10.75
CA THR F 103 0.98 -4.58 9.59
C THR F 103 -0.42 -5.16 9.79
N LYS F 104 -1.34 -4.69 8.96
CA LYS F 104 -2.69 -5.25 8.93
C LYS F 104 -3.03 -5.54 7.48
N ILE F 105 -3.55 -6.74 7.25
CA ILE F 105 -4.04 -7.15 5.95
C ILE F 105 -5.54 -7.33 6.14
N LYS F 106 -6.32 -6.74 5.26
CA LYS F 106 -7.78 -6.79 5.38
C LYS F 106 -8.34 -7.84 4.44
N LYS F 107 -9.42 -8.49 4.86
CA LYS F 107 -10.17 -9.38 4.00
C LYS F 107 -10.37 -8.76 2.62
N GLY F 108 -10.04 -9.53 1.60
CA GLY F 108 -10.18 -9.11 0.23
C GLY F 108 -8.99 -8.42 -0.38
N ASP F 109 -8.02 -7.99 0.42
CA ASP F 109 -6.80 -7.39 -0.13
C ASP F 109 -6.03 -8.35 -1.06
N ARG F 110 -5.67 -7.87 -2.24
CA ARG F 110 -4.75 -8.60 -3.08
C ARG F 110 -3.36 -8.67 -2.42
N ILE F 111 -2.80 -9.87 -2.31
CA ILE F 111 -1.59 -10.04 -1.49
C ILE F 111 -0.47 -10.81 -2.21
N CYS F 112 -0.80 -11.58 -3.24
CA CYS F 112 0.20 -12.31 -3.98
C CYS F 112 -0.36 -12.63 -5.35
N GLN F 113 0.43 -13.30 -6.18
CA GLN F 113 0.05 -13.61 -7.57
CA GLN F 113 0.00 -13.65 -7.53
C GLN F 113 0.57 -15.00 -7.92
N PHE F 114 -0.11 -15.67 -8.86
CA PHE F 114 0.32 -16.99 -9.31
C PHE F 114 0.20 -17.18 -10.81
N ARG F 115 1.01 -18.11 -11.31
CA ARG F 115 0.83 -18.69 -12.63
C ARG F 115 1.05 -20.19 -12.55
N ILE F 116 0.69 -20.87 -13.61
CA ILE F 116 1.02 -22.26 -13.76
C ILE F 116 2.20 -22.43 -14.72
N MET F 117 2.87 -23.57 -14.56
CA MET F 117 4.03 -23.94 -15.34
C MET F 117 4.05 -25.45 -15.47
N LYS F 118 4.47 -25.93 -16.63
CA LYS F 118 4.66 -27.37 -16.81
C LYS F 118 5.70 -27.87 -15.81
N LYS F 119 5.45 -29.03 -15.21
CA LYS F 119 6.43 -29.64 -14.31
C LYS F 119 7.64 -30.09 -15.08
N MET F 120 8.75 -30.35 -14.39
CA MET F 120 10.00 -30.62 -15.10
C MET F 120 9.86 -31.94 -15.88
N PRO F 121 10.67 -32.10 -16.95
CA PRO F 121 10.48 -33.29 -17.77
C PRO F 121 11.00 -34.52 -17.06
N ALA F 122 10.68 -35.69 -17.60
CA ALA F 122 11.19 -36.95 -17.08
C ALA F 122 12.73 -36.91 -17.09
N VAL F 123 13.33 -37.33 -15.99
CA VAL F 123 14.78 -37.27 -15.83
C VAL F 123 15.22 -38.31 -14.78
N ASP F 124 16.34 -38.98 -15.00
CA ASP F 124 16.89 -39.93 -14.03
C ASP F 124 18.04 -39.30 -13.27
N LEU F 125 18.10 -39.56 -11.97
CA LEU F 125 19.25 -39.20 -11.15
C LEU F 125 20.20 -40.38 -11.15
N ILE F 126 21.42 -40.15 -11.61
CA ILE F 126 22.44 -41.21 -11.69
C ILE F 126 23.64 -40.81 -10.84
N GLU F 127 23.94 -41.60 -9.82
CA GLU F 127 25.12 -41.31 -9.02
C GLU F 127 26.38 -41.65 -9.78
N VAL F 128 27.35 -40.73 -9.71
CA VAL F 128 28.68 -40.96 -10.25
C VAL F 128 29.73 -40.65 -9.18
N ASP F 129 30.91 -41.27 -9.33
CA ASP F 129 32.03 -41.06 -8.41
C ASP F 129 32.71 -39.72 -8.66
N ARG F 130 32.64 -39.22 -9.89
CA ARG F 130 33.38 -38.02 -10.29
C ARG F 130 32.65 -37.31 -11.43
N LEU F 131 32.82 -35.98 -11.48
CA LEU F 131 32.26 -35.18 -12.58
C LEU F 131 33.36 -34.72 -13.53
#